data_2GRM
#
_entry.id   2GRM
#
_cell.length_a   93.459
_cell.length_b   134.748
_cell.length_c   192.478
_cell.angle_alpha   90.00
_cell.angle_beta   90.00
_cell.angle_gamma   90.00
#
_symmetry.space_group_name_H-M   'C 2 2 2'
#
loop_
_entity.id
_entity.type
_entity.pdbx_description
1 polymer PrgX
2 polymer peptide
3 water water
#
loop_
_entity_poly.entity_id
_entity_poly.type
_entity_poly.pdbx_seq_one_letter_code
_entity_poly.pdbx_strand_id
1 'polypeptide(L)'
;MFKIGSVLKQIRQELNYHQIDLYSGIMSKSVYIKVEADSRPISVEELSKFSERLGVNFFEILNRAGMNTKSVNETGKEKL
LISKIFTNPDLFDKNFQRIEPKRLTSLQYFSIYLGYISIAHHYNIEVPTFNKTITSDLKHLYDKRTTFFGIDYEIVSNLL
NVLPYEEVSSIIKPMYPIVDSFGKDYDLTIQTVLKNALTISIMNRNLKEAQYYINQFEHLKTIKNISINGCYDLEINYLK
QIYQFLTDKNIDSYLNAVNIINIFKIIGKEDIHRSLVEELTKISAKEKFTPPKEVTMYYENYVAIENNPIPEIKEQS
;
A,B,C
2 'polypeptide(L)' AITLIFI D,E
#
# COMPACT_ATOMS: atom_id res chain seq x y z
N MET A 1 -13.67 30.95 -3.62
CA MET A 1 -12.60 31.97 -3.46
C MET A 1 -12.05 32.41 -4.82
N PHE A 2 -12.18 31.53 -5.81
CA PHE A 2 -11.72 31.82 -7.17
C PHE A 2 -12.91 31.82 -8.13
N LYS A 3 -13.10 32.93 -8.82
CA LYS A 3 -14.20 33.08 -9.77
C LYS A 3 -13.97 32.22 -11.02
N ILE A 4 -13.88 30.91 -10.82
CA ILE A 4 -13.68 29.98 -11.93
C ILE A 4 -14.89 29.99 -12.85
N GLY A 5 -16.09 29.94 -12.25
CA GLY A 5 -17.32 29.95 -13.03
C GLY A 5 -17.34 31.14 -13.95
N SER A 6 -17.00 32.30 -13.38
CA SER A 6 -16.95 33.52 -14.14
C SER A 6 -16.13 33.30 -15.40
N VAL A 7 -14.96 32.69 -15.26
CA VAL A 7 -14.08 32.45 -16.40
C VAL A 7 -14.72 31.50 -17.42
N LEU A 8 -15.29 30.39 -16.96
CA LEU A 8 -15.95 29.44 -17.86
C LEU A 8 -16.91 30.17 -18.76
N LYS A 9 -17.78 30.96 -18.15
CA LYS A 9 -18.79 31.71 -18.90
C LYS A 9 -18.13 32.60 -19.93
N GLN A 10 -17.18 33.44 -19.46
CA GLN A 10 -16.41 34.35 -20.30
C GLN A 10 -15.85 33.60 -21.52
N ILE A 11 -15.15 32.50 -21.28
CA ILE A 11 -14.56 31.77 -22.38
C ILE A 11 -15.65 31.17 -23.26
N ARG A 12 -16.68 30.60 -22.62
CA ARG A 12 -17.79 29.99 -23.35
C ARG A 12 -18.47 30.99 -24.30
N GLN A 13 -18.83 32.14 -23.76
CA GLN A 13 -19.49 33.15 -24.56
C GLN A 13 -18.60 33.73 -25.65
N GLU A 14 -17.31 33.88 -25.36
CA GLU A 14 -16.41 34.46 -26.37
C GLU A 14 -16.25 33.47 -27.50
N LEU A 15 -16.19 32.20 -27.14
CA LEU A 15 -16.04 31.15 -28.13
C LEU A 15 -17.37 30.84 -28.82
N ASN A 16 -18.44 31.50 -28.35
CA ASN A 16 -19.78 31.32 -28.90
C ASN A 16 -20.44 29.99 -28.63
N TYR A 17 -19.97 29.26 -27.63
CA TYR A 17 -20.57 27.99 -27.27
C TYR A 17 -21.80 28.26 -26.38
N HIS A 18 -22.75 27.33 -26.39
CA HIS A 18 -23.95 27.46 -25.58
C HIS A 18 -23.83 26.58 -24.35
N GLN A 19 -24.44 27.01 -23.26
CA GLN A 19 -24.38 26.25 -22.02
C GLN A 19 -24.53 24.76 -22.24
N ILE A 20 -25.47 24.38 -23.10
CA ILE A 20 -25.72 22.97 -23.39
C ILE A 20 -24.44 22.25 -23.82
N ASP A 21 -23.59 22.96 -24.55
CA ASP A 21 -22.34 22.39 -25.05
C ASP A 21 -21.38 22.02 -23.93
N LEU A 22 -21.64 22.54 -22.73
CA LEU A 22 -20.80 22.26 -21.56
C LEU A 22 -21.38 21.26 -20.55
N TYR A 23 -22.52 21.58 -19.95
CA TYR A 23 -23.13 20.69 -18.95
C TYR A 23 -23.73 19.41 -19.49
N SER A 24 -24.11 19.39 -20.77
CA SER A 24 -24.69 18.19 -21.35
C SER A 24 -23.73 16.99 -21.27
N GLY A 25 -24.11 15.99 -20.47
CA GLY A 25 -23.26 14.82 -20.30
C GLY A 25 -22.51 14.88 -18.98
N ILE A 26 -22.28 16.09 -18.50
CA ILE A 26 -21.53 16.30 -17.27
C ILE A 26 -22.46 16.56 -16.09
N MET A 27 -23.29 17.59 -16.20
CA MET A 27 -24.21 17.94 -15.12
C MET A 27 -25.54 18.51 -15.62
N SER A 28 -26.40 18.90 -14.68
CA SER A 28 -27.72 19.45 -14.99
C SER A 28 -27.64 20.94 -15.30
N LYS A 29 -28.44 21.37 -16.28
CA LYS A 29 -28.45 22.77 -16.68
C LYS A 29 -28.67 23.74 -15.51
N SER A 30 -29.39 23.28 -14.51
CA SER A 30 -29.66 24.12 -13.35
C SER A 30 -28.43 24.22 -12.47
N VAL A 31 -27.78 23.08 -12.20
CA VAL A 31 -26.58 23.05 -11.38
C VAL A 31 -25.39 23.74 -12.07
N TYR A 32 -25.33 23.61 -13.40
CA TYR A 32 -24.26 24.25 -14.16
C TYR A 32 -24.37 25.76 -14.02
N ILE A 33 -25.59 26.28 -14.13
CA ILE A 33 -25.80 27.72 -14.02
C ILE A 33 -25.37 28.12 -12.61
N LYS A 34 -25.42 27.15 -11.71
CA LYS A 34 -25.02 27.40 -10.33
C LYS A 34 -23.49 27.47 -10.26
N VAL A 35 -22.83 26.67 -11.09
CA VAL A 35 -21.37 26.65 -11.17
C VAL A 35 -20.89 27.93 -11.84
N GLU A 36 -21.36 28.15 -13.06
CA GLU A 36 -21.01 29.33 -13.83
C GLU A 36 -21.36 30.65 -13.13
N ALA A 37 -22.03 30.57 -11.98
CA ALA A 37 -22.43 31.74 -11.23
C ALA A 37 -21.57 31.97 -10.01
N ASP A 38 -20.65 31.02 -9.79
CA ASP A 38 -19.74 31.06 -8.65
C ASP A 38 -20.50 30.95 -7.34
N SER A 39 -21.50 30.08 -7.34
CA SER A 39 -22.31 29.84 -6.16
C SER A 39 -22.10 28.40 -5.73
N ARG A 40 -21.86 27.53 -6.70
CA ARG A 40 -21.63 26.13 -6.41
C ARG A 40 -20.18 25.75 -6.73
N PRO A 41 -19.53 25.01 -5.83
CA PRO A 41 -18.14 24.60 -6.06
C PRO A 41 -18.03 23.72 -7.29
N ILE A 42 -16.84 23.71 -7.90
CA ILE A 42 -16.57 22.89 -9.08
C ILE A 42 -15.35 22.01 -8.77
N SER A 43 -15.44 20.73 -9.11
CA SER A 43 -14.37 19.78 -8.87
C SER A 43 -13.38 19.90 -10.00
N VAL A 44 -12.13 19.52 -9.72
CA VAL A 44 -11.11 19.59 -10.75
C VAL A 44 -11.53 18.71 -11.89
N GLU A 45 -12.24 17.63 -11.58
CA GLU A 45 -12.72 16.69 -12.61
C GLU A 45 -13.70 17.40 -13.55
N GLU A 46 -14.70 18.06 -12.96
CA GLU A 46 -15.66 18.81 -13.75
C GLU A 46 -14.92 19.84 -14.61
N LEU A 47 -14.12 20.68 -13.98
CA LEU A 47 -13.33 21.69 -14.69
C LEU A 47 -12.49 21.08 -15.81
N SER A 48 -11.94 19.90 -15.54
CA SER A 48 -11.12 19.19 -16.51
C SER A 48 -11.93 18.96 -17.79
N LYS A 49 -13.17 18.52 -17.65
CA LYS A 49 -14.05 18.26 -18.79
C LYS A 49 -14.50 19.56 -19.48
N PHE A 50 -14.84 20.57 -18.70
CA PHE A 50 -15.24 21.83 -19.30
C PHE A 50 -14.06 22.38 -20.10
N SER A 51 -12.85 22.16 -19.58
CA SER A 51 -11.64 22.63 -20.22
C SER A 51 -11.54 21.98 -21.61
N GLU A 52 -11.84 20.69 -21.65
CA GLU A 52 -11.75 19.94 -22.88
C GLU A 52 -12.81 20.39 -23.86
N ARG A 53 -13.98 20.75 -23.34
CA ARG A 53 -15.05 21.17 -24.22
C ARG A 53 -14.79 22.54 -24.81
N LEU A 54 -14.23 23.43 -24.00
CA LEU A 54 -13.92 24.80 -24.45
C LEU A 54 -12.77 24.84 -25.44
N GLY A 55 -11.82 23.91 -25.29
CA GLY A 55 -10.65 23.89 -26.15
C GLY A 55 -9.57 24.83 -25.63
N VAL A 56 -9.70 25.25 -24.37
CA VAL A 56 -8.72 26.14 -23.75
C VAL A 56 -8.02 25.37 -22.63
N ASN A 57 -6.72 25.61 -22.48
CA ASN A 57 -5.91 24.94 -21.48
C ASN A 57 -6.48 24.99 -20.05
N PHE A 58 -6.45 23.83 -19.38
CA PHE A 58 -6.93 23.67 -18.03
C PHE A 58 -6.26 24.69 -17.10
N PHE A 59 -4.94 24.65 -17.08
CA PHE A 59 -4.15 25.52 -16.25
C PHE A 59 -4.33 26.98 -16.62
N GLU A 60 -4.59 27.26 -17.89
CA GLU A 60 -4.77 28.66 -18.27
C GLU A 60 -6.07 29.15 -17.64
N ILE A 61 -7.08 28.30 -17.67
CA ILE A 61 -8.39 28.63 -17.10
C ILE A 61 -8.15 28.97 -15.63
N LEU A 62 -7.46 28.06 -14.89
CA LEU A 62 -7.17 28.31 -13.48
C LEU A 62 -6.49 29.65 -13.31
N ASN A 63 -5.44 29.89 -14.09
CA ASN A 63 -4.71 31.15 -14.01
C ASN A 63 -5.63 32.32 -14.21
N ARG A 64 -6.42 32.29 -15.28
CA ARG A 64 -7.34 33.39 -15.55
C ARG A 64 -8.31 33.57 -14.41
N ALA A 65 -8.56 32.50 -13.66
CA ALA A 65 -9.50 32.53 -12.56
C ALA A 65 -8.93 33.30 -11.37
N GLY A 66 -7.64 33.55 -11.42
CA GLY A 66 -7.01 34.29 -10.36
C GLY A 66 -5.90 33.55 -9.67
N MET A 67 -5.68 32.29 -10.04
CA MET A 67 -4.60 31.51 -9.45
C MET A 67 -3.33 31.74 -10.25
N ASN A 68 -3.33 32.80 -11.05
CA ASN A 68 -2.18 33.16 -11.89
C ASN A 68 -1.29 34.14 -11.14
N THR A 69 -1.37 34.10 -9.82
CA THR A 69 -0.57 34.99 -8.97
C THR A 69 -0.40 34.38 -7.58
N LYS A 70 0.85 34.14 -7.18
CA LYS A 70 1.13 33.58 -5.87
C LYS A 70 0.96 34.65 -4.80
N SER A 71 -0.23 35.23 -4.79
CA SER A 71 -0.61 36.27 -3.83
C SER A 71 -2.02 35.92 -3.37
N VAL A 72 -2.40 34.68 -3.66
CA VAL A 72 -3.71 34.17 -3.30
C VAL A 72 -3.80 33.83 -1.82
N ASN A 73 -2.68 33.37 -1.25
CA ASN A 73 -2.64 33.00 0.15
C ASN A 73 -1.51 33.68 0.91
N GLU A 74 -1.53 33.51 2.24
CA GLU A 74 -0.55 34.10 3.14
C GLU A 74 0.88 34.03 2.61
N THR A 75 1.45 32.83 2.62
CA THR A 75 2.82 32.61 2.18
C THR A 75 3.15 33.39 0.90
N GLY A 76 2.17 33.53 0.02
CA GLY A 76 2.43 34.24 -1.20
C GLY A 76 2.90 35.66 -0.96
N LYS A 77 2.12 36.38 -0.17
CA LYS A 77 2.44 37.76 0.15
C LYS A 77 3.82 37.86 0.80
N GLU A 78 4.10 36.94 1.71
CA GLU A 78 5.38 36.94 2.42
C GLU A 78 6.61 36.82 1.52
N LYS A 79 6.50 36.03 0.46
CA LYS A 79 7.61 35.83 -0.44
C LYS A 79 7.82 37.05 -1.28
N LEU A 80 6.72 37.72 -1.63
CA LEU A 80 6.81 38.92 -2.44
C LEU A 80 7.46 40.03 -1.65
N LEU A 81 7.23 39.99 -0.34
CA LEU A 81 7.77 40.95 0.62
C LEU A 81 9.30 40.84 0.76
N ILE A 82 9.82 39.62 0.58
CA ILE A 82 11.25 39.40 0.67
C ILE A 82 12.01 40.38 -0.21
N SER A 83 11.54 40.58 -1.44
CA SER A 83 12.18 41.49 -2.40
C SER A 83 12.17 42.90 -1.83
N LYS A 84 11.04 43.27 -1.24
CA LYS A 84 10.86 44.56 -0.64
C LYS A 84 11.86 44.78 0.50
N ILE A 85 11.89 43.83 1.45
CA ILE A 85 12.79 43.91 2.60
C ILE A 85 14.25 43.84 2.14
N PHE A 86 14.49 43.39 0.91
CA PHE A 86 15.85 43.26 0.40
C PHE A 86 16.41 44.58 -0.11
N THR A 87 15.51 45.49 -0.50
CA THR A 87 15.95 46.78 -1.00
C THR A 87 15.62 47.84 0.03
N ASN A 88 14.93 47.41 1.08
CA ASN A 88 14.54 48.27 2.19
C ASN A 88 14.88 47.54 3.47
N PRO A 89 16.17 47.25 3.70
CA PRO A 89 16.64 46.54 4.89
C PRO A 89 16.23 47.16 6.22
N ASP A 90 15.50 48.27 6.20
CA ASP A 90 15.06 48.91 7.44
C ASP A 90 13.82 48.19 7.94
N LEU A 91 13.08 47.61 7.02
CA LEU A 91 11.86 46.87 7.35
C LEU A 91 12.18 45.43 7.82
N PHE A 92 13.47 45.12 7.93
CA PHE A 92 13.90 43.79 8.34
C PHE A 92 13.36 43.41 9.68
N ASP A 93 13.86 44.07 10.73
CA ASP A 93 13.43 43.78 12.10
C ASP A 93 11.98 43.38 12.33
N LYS A 94 11.09 44.35 12.35
CA LYS A 94 9.68 44.07 12.59
C LYS A 94 9.14 42.88 11.83
N ASN A 95 9.56 42.72 10.58
CA ASN A 95 9.10 41.59 9.76
C ASN A 95 9.72 40.28 10.15
N PHE A 96 11.04 40.27 10.34
CA PHE A 96 11.76 39.07 10.73
C PHE A 96 11.26 38.54 12.08
N GLN A 97 10.78 39.44 12.95
CA GLN A 97 10.24 39.08 14.26
C GLN A 97 8.96 38.25 14.08
N ARG A 98 8.28 38.43 12.96
CA ARG A 98 7.05 37.71 12.71
C ARG A 98 7.26 36.40 11.97
N ILE A 99 8.29 36.31 11.16
CA ILE A 99 8.55 35.09 10.41
C ILE A 99 9.33 34.08 11.24
N GLU A 100 10.42 34.53 11.86
CA GLU A 100 11.26 33.68 12.66
C GLU A 100 10.49 32.64 13.49
N PRO A 101 9.48 33.07 14.26
CA PRO A 101 8.71 32.12 15.07
C PRO A 101 7.93 31.05 14.30
N LYS A 102 7.56 31.33 13.05
CA LYS A 102 6.79 30.37 12.24
C LYS A 102 7.63 29.59 11.25
N ARG A 103 8.95 29.65 11.39
CA ARG A 103 9.85 29.00 10.42
C ARG A 103 9.67 27.51 10.26
N LEU A 104 9.10 26.85 11.27
CA LEU A 104 8.89 25.39 11.18
C LEU A 104 7.42 25.03 11.01
N THR A 105 6.57 26.04 10.79
CA THR A 105 5.16 25.83 10.61
C THR A 105 4.85 25.04 9.33
N SER A 106 5.72 25.14 8.33
CA SER A 106 5.55 24.44 7.06
C SER A 106 6.74 24.76 6.20
N LEU A 107 7.06 23.88 5.26
CA LEU A 107 8.21 24.10 4.39
C LEU A 107 8.16 25.48 3.76
N GLN A 108 6.95 25.96 3.52
CA GLN A 108 6.76 27.27 2.92
C GLN A 108 7.40 28.34 3.77
N TYR A 109 6.98 28.39 5.04
CA TYR A 109 7.50 29.39 5.96
C TYR A 109 8.99 29.28 6.22
N PHE A 110 9.53 28.06 6.10
CA PHE A 110 10.94 27.86 6.35
C PHE A 110 11.73 28.45 5.20
N SER A 111 11.20 28.33 4.00
CA SER A 111 11.87 28.87 2.82
C SER A 111 11.90 30.40 3.01
N ILE A 112 10.78 30.93 3.48
CA ILE A 112 10.65 32.36 3.71
C ILE A 112 11.65 32.76 4.79
N TYR A 113 11.78 31.92 5.80
CA TYR A 113 12.71 32.18 6.90
C TYR A 113 14.13 32.30 6.36
N LEU A 114 14.56 31.29 5.63
CA LEU A 114 15.89 31.32 5.07
C LEU A 114 16.04 32.56 4.20
N GLY A 115 14.92 32.97 3.59
CA GLY A 115 14.91 34.16 2.74
C GLY A 115 15.40 35.35 3.56
N TYR A 116 14.81 35.57 4.72
CA TYR A 116 15.25 36.66 5.56
C TYR A 116 16.71 36.51 5.99
N ILE A 117 17.08 35.30 6.39
CA ILE A 117 18.45 35.06 6.82
C ILE A 117 19.45 35.49 5.77
N SER A 118 19.07 35.38 4.49
CA SER A 118 19.96 35.79 3.38
C SER A 118 20.14 37.30 3.40
N ILE A 119 19.01 38.01 3.46
CA ILE A 119 19.00 39.48 3.52
C ILE A 119 19.91 39.94 4.66
N ALA A 120 19.80 39.29 5.81
CA ALA A 120 20.62 39.64 6.98
C ALA A 120 22.12 39.53 6.71
N HIS A 121 22.57 38.37 6.25
CA HIS A 121 23.99 38.21 5.98
C HIS A 121 24.50 39.26 4.99
N HIS A 122 23.69 39.51 3.97
CA HIS A 122 24.04 40.48 2.95
C HIS A 122 24.31 41.84 3.55
N TYR A 123 23.35 42.33 4.32
CA TYR A 123 23.47 43.62 4.98
C TYR A 123 24.15 43.53 6.33
N ASN A 124 24.98 42.50 6.49
CA ASN A 124 25.71 42.26 7.75
C ASN A 124 24.85 42.51 8.98
N ILE A 125 23.64 41.96 8.99
CA ILE A 125 22.70 42.09 10.10
C ILE A 125 22.85 40.88 10.98
N GLU A 126 22.84 41.11 12.29
CA GLU A 126 22.99 40.02 13.26
C GLU A 126 21.75 39.13 13.42
N VAL A 127 21.95 37.83 13.19
CA VAL A 127 20.91 36.82 13.31
C VAL A 127 21.47 35.64 14.10
N PRO A 128 21.61 35.81 15.42
CA PRO A 128 22.14 34.79 16.36
C PRO A 128 21.27 33.54 16.51
N THR A 129 19.96 33.69 16.39
CA THR A 129 19.03 32.56 16.52
C THR A 129 19.25 31.56 15.39
N PHE A 130 19.81 32.04 14.29
CA PHE A 130 20.09 31.18 13.15
C PHE A 130 21.18 30.16 13.46
N ASN A 131 22.41 30.65 13.55
CA ASN A 131 23.59 29.84 13.86
C ASN A 131 23.37 28.93 15.07
N LYS A 132 22.48 29.32 15.97
CA LYS A 132 22.19 28.51 17.14
C LYS A 132 21.17 27.42 16.92
N THR A 133 20.21 27.61 16.01
CA THR A 133 19.18 26.60 15.80
C THR A 133 19.02 25.94 14.42
N ILE A 134 19.72 26.40 13.40
CA ILE A 134 19.54 25.79 12.09
C ILE A 134 19.82 24.28 12.01
N THR A 135 20.94 23.81 12.53
CA THR A 135 21.25 22.38 12.49
C THR A 135 20.09 21.58 13.13
N SER A 136 19.54 22.13 14.20
CA SER A 136 18.43 21.50 14.86
C SER A 136 17.27 21.48 13.89
N ASP A 137 16.92 22.64 13.33
CA ASP A 137 15.79 22.78 12.40
C ASP A 137 15.85 21.77 11.24
N LEU A 138 17.00 21.70 10.59
CA LEU A 138 17.22 20.80 9.48
C LEU A 138 16.98 19.38 9.93
N LYS A 139 17.53 19.02 11.09
CA LYS A 139 17.36 17.68 11.62
C LYS A 139 15.86 17.41 11.67
N HIS A 140 15.13 18.35 12.23
CA HIS A 140 13.69 18.24 12.38
C HIS A 140 12.93 18.14 11.07
N LEU A 141 13.35 18.89 10.06
CA LEU A 141 12.65 18.87 8.77
C LEU A 141 13.10 17.72 7.88
N TYR A 142 14.39 17.49 7.81
CA TYR A 142 14.87 16.43 6.98
C TYR A 142 15.45 15.31 7.80
N ASP A 143 14.60 14.39 8.26
CA ASP A 143 15.09 13.29 9.06
C ASP A 143 14.38 12.02 8.67
N LYS A 144 13.07 12.09 8.54
CA LYS A 144 12.29 10.93 8.17
C LYS A 144 11.81 11.15 6.75
N ARG A 145 12.64 11.83 5.94
CA ARG A 145 12.25 12.15 4.57
C ARG A 145 12.74 11.17 3.54
N THR A 146 11.86 10.83 2.59
CA THR A 146 12.19 9.89 1.52
C THR A 146 12.00 10.51 0.14
N THR A 147 10.99 11.35 -0.01
CA THR A 147 10.74 12.03 -1.27
C THR A 147 10.74 13.53 -1.05
N PHE A 148 11.05 14.30 -2.09
CA PHE A 148 11.11 15.76 -1.96
C PHE A 148 10.25 16.50 -2.93
N PHE A 149 9.64 17.57 -2.47
CA PHE A 149 8.75 18.34 -3.32
C PHE A 149 9.43 19.61 -3.77
N GLY A 150 8.73 20.39 -4.58
CA GLY A 150 9.32 21.62 -5.07
C GLY A 150 9.87 22.51 -3.99
N ILE A 151 9.09 22.77 -2.94
CA ILE A 151 9.54 23.66 -1.88
C ILE A 151 10.79 23.13 -1.22
N ASP A 152 10.98 21.82 -1.24
CA ASP A 152 12.15 21.19 -0.66
C ASP A 152 13.41 21.70 -1.37
N TYR A 153 13.38 21.69 -2.69
CA TYR A 153 14.49 22.16 -3.50
C TYR A 153 14.67 23.66 -3.33
N GLU A 154 13.57 24.38 -3.17
CA GLU A 154 13.63 25.81 -2.93
C GLU A 154 14.41 26.04 -1.64
N ILE A 155 14.01 25.36 -0.56
CA ILE A 155 14.67 25.50 0.73
C ILE A 155 16.19 25.27 0.62
N VAL A 156 16.58 24.15 0.04
CA VAL A 156 18.00 23.83 -0.11
C VAL A 156 18.74 24.85 -0.97
N SER A 157 18.05 25.46 -1.93
CA SER A 157 18.70 26.46 -2.78
C SER A 157 19.12 27.67 -1.98
N ASN A 158 18.22 28.15 -1.12
CA ASN A 158 18.49 29.31 -0.28
C ASN A 158 19.49 28.94 0.82
N LEU A 159 19.42 27.69 1.25
CA LEU A 159 20.29 27.15 2.29
C LEU A 159 21.75 27.18 1.83
N LEU A 160 21.97 26.87 0.56
CA LEU A 160 23.31 26.85 0.04
C LEU A 160 23.94 28.24 0.08
N ASN A 161 23.11 29.25 0.27
CA ASN A 161 23.55 30.63 0.29
C ASN A 161 23.84 31.19 1.66
N VAL A 162 23.37 30.51 2.71
CA VAL A 162 23.61 31.01 4.05
C VAL A 162 24.20 29.97 4.98
N LEU A 163 24.78 28.91 4.41
CA LEU A 163 25.35 27.85 5.23
C LEU A 163 26.54 27.31 4.47
N PRO A 164 27.65 27.03 5.18
CA PRO A 164 28.83 26.50 4.49
C PRO A 164 28.47 25.19 3.75
N TYR A 165 28.87 25.12 2.49
CA TYR A 165 28.55 23.98 1.65
C TYR A 165 28.61 22.63 2.34
N GLU A 166 29.63 22.44 3.17
CA GLU A 166 29.80 21.16 3.84
C GLU A 166 28.63 20.73 4.69
N GLU A 167 27.90 21.70 5.22
CA GLU A 167 26.76 21.37 6.06
C GLU A 167 25.58 21.01 5.21
N VAL A 168 25.50 21.60 4.02
CA VAL A 168 24.37 21.36 3.12
C VAL A 168 24.53 20.14 2.27
N SER A 169 25.78 19.79 1.99
CA SER A 169 26.16 18.63 1.17
C SER A 169 25.32 17.38 1.39
N SER A 170 25.40 16.81 2.59
CA SER A 170 24.64 15.60 2.92
C SER A 170 23.13 15.65 2.69
N ILE A 171 22.53 16.84 2.78
CA ILE A 171 21.07 17.03 2.60
C ILE A 171 20.69 16.94 1.12
N ILE A 172 21.59 17.40 0.25
CA ILE A 172 21.37 17.42 -1.18
C ILE A 172 21.42 16.06 -1.84
N LYS A 173 22.49 15.33 -1.61
CA LYS A 173 22.69 14.03 -2.24
C LYS A 173 21.49 13.11 -2.36
N PRO A 174 20.71 12.99 -1.30
CA PRO A 174 19.55 12.12 -1.42
C PRO A 174 18.42 12.70 -2.22
N MET A 175 18.64 13.89 -2.78
CA MET A 175 17.59 14.56 -3.57
C MET A 175 17.79 14.44 -5.09
N TYR A 176 18.85 13.75 -5.49
CA TYR A 176 19.17 13.54 -6.90
C TYR A 176 19.64 12.09 -7.02
N PRO A 177 19.60 11.54 -8.24
CA PRO A 177 19.14 12.18 -9.47
C PRO A 177 17.66 12.32 -9.52
N ILE A 178 17.19 13.24 -10.34
CA ILE A 178 15.75 13.48 -10.53
C ILE A 178 15.23 12.54 -11.61
N VAL A 179 14.02 12.06 -11.46
CA VAL A 179 13.49 11.14 -12.46
C VAL A 179 12.25 11.62 -13.18
N ASP A 180 11.57 12.63 -12.66
CA ASP A 180 10.38 13.10 -13.33
C ASP A 180 10.12 14.57 -13.17
N SER A 181 9.24 15.11 -13.99
CA SER A 181 8.91 16.51 -13.89
C SER A 181 7.55 16.62 -13.21
N PHE A 182 7.34 17.68 -12.44
CA PHE A 182 6.08 17.88 -11.72
C PHE A 182 5.65 19.33 -11.80
N GLY A 183 5.98 19.97 -12.93
CA GLY A 183 5.57 21.34 -13.11
C GLY A 183 6.72 22.30 -13.35
N LYS A 184 6.41 23.43 -13.98
CA LYS A 184 7.43 24.43 -14.29
C LYS A 184 8.14 24.88 -13.02
N ASP A 185 7.37 25.03 -11.94
CA ASP A 185 7.89 25.48 -10.64
C ASP A 185 8.87 24.46 -10.11
N TYR A 186 8.47 23.20 -10.18
CA TYR A 186 9.32 22.13 -9.72
C TYR A 186 10.56 22.06 -10.58
N ASP A 187 10.38 22.13 -11.90
CA ASP A 187 11.52 22.03 -12.79
C ASP A 187 12.51 23.16 -12.53
N LEU A 188 11.99 24.30 -12.10
CA LEU A 188 12.83 25.47 -11.87
C LEU A 188 13.61 25.38 -10.59
N THR A 189 12.98 24.94 -9.51
CA THR A 189 13.71 24.84 -8.24
C THR A 189 14.72 23.71 -8.27
N ILE A 190 14.44 22.66 -9.01
CA ILE A 190 15.37 21.54 -9.05
C ILE A 190 16.63 21.93 -9.77
N GLN A 191 16.54 22.97 -10.61
CA GLN A 191 17.71 23.45 -11.37
C GLN A 191 18.47 24.48 -10.56
N THR A 192 17.77 25.21 -9.69
CA THR A 192 18.45 26.20 -8.89
C THR A 192 19.43 25.55 -7.90
N VAL A 193 19.01 24.45 -7.28
CA VAL A 193 19.87 23.77 -6.34
C VAL A 193 21.15 23.39 -7.08
N LEU A 194 21.00 22.81 -8.27
CA LEU A 194 22.14 22.39 -9.10
C LEU A 194 23.03 23.56 -9.48
N LYS A 195 22.41 24.64 -9.92
CA LYS A 195 23.14 25.83 -10.33
C LYS A 195 23.87 26.52 -9.18
N ASN A 196 23.26 26.59 -8.00
CA ASN A 196 23.93 27.20 -6.86
C ASN A 196 25.00 26.29 -6.31
N ALA A 197 24.73 25.00 -6.28
CA ALA A 197 25.71 24.05 -5.77
C ALA A 197 26.93 23.91 -6.74
N LEU A 198 26.68 24.02 -8.04
CA LEU A 198 27.76 23.93 -8.99
C LEU A 198 28.63 25.18 -8.86
N THR A 199 28.02 26.31 -8.55
CA THR A 199 28.77 27.54 -8.39
C THR A 199 29.67 27.41 -7.20
N ILE A 200 29.11 26.97 -6.08
CA ILE A 200 29.90 26.81 -4.86
C ILE A 200 31.07 25.82 -5.05
N SER A 201 30.80 24.70 -5.71
CA SER A 201 31.86 23.74 -5.95
C SER A 201 33.03 24.37 -6.71
N ILE A 202 32.74 25.02 -7.82
CA ILE A 202 33.75 25.63 -8.63
C ILE A 202 34.49 26.70 -7.84
N MET A 203 33.77 27.48 -7.07
CA MET A 203 34.43 28.51 -6.31
C MET A 203 35.39 27.90 -5.28
N ASN A 204 35.14 26.66 -4.90
CA ASN A 204 35.97 25.98 -3.91
C ASN A 204 36.93 25.05 -4.58
N ARG A 205 36.98 25.12 -5.90
CA ARG A 205 37.84 24.25 -6.67
C ARG A 205 37.56 22.77 -6.38
N ASN A 206 36.45 22.50 -5.70
CA ASN A 206 36.06 21.12 -5.39
C ASN A 206 35.52 20.56 -6.71
N LEU A 207 36.42 20.14 -7.58
CA LEU A 207 36.00 19.61 -8.87
C LEU A 207 35.22 18.29 -8.86
N LYS A 208 35.47 17.43 -7.89
CA LYS A 208 34.74 16.16 -7.87
C LYS A 208 33.24 16.40 -7.72
N GLU A 209 32.88 17.41 -6.93
CA GLU A 209 31.49 17.76 -6.72
C GLU A 209 30.96 18.48 -7.97
N ALA A 210 31.69 19.51 -8.41
CA ALA A 210 31.31 20.27 -9.58
C ALA A 210 30.96 19.31 -10.70
N GLN A 211 31.82 18.33 -10.90
CA GLN A 211 31.55 17.34 -11.93
C GLN A 211 30.16 16.69 -11.68
N TYR A 212 29.87 16.36 -10.43
CA TYR A 212 28.63 15.71 -10.10
C TYR A 212 27.41 16.53 -10.45
N TYR A 213 27.44 17.79 -10.07
CA TYR A 213 26.32 18.68 -10.33
C TYR A 213 26.15 18.89 -11.83
N ILE A 214 27.25 18.94 -12.56
CA ILE A 214 27.15 19.10 -13.99
C ILE A 214 26.41 17.90 -14.57
N ASN A 215 26.82 16.71 -14.19
CA ASN A 215 26.15 15.52 -14.70
C ASN A 215 24.69 15.50 -14.31
N GLN A 216 24.39 15.95 -13.09
CA GLN A 216 23.02 15.96 -12.64
C GLN A 216 22.18 16.87 -13.51
N PHE A 217 22.73 18.04 -13.86
CA PHE A 217 22.01 18.97 -14.71
C PHE A 217 21.84 18.36 -16.09
N GLU A 218 22.94 17.90 -16.65
CA GLU A 218 22.91 17.28 -17.96
C GLU A 218 21.85 16.20 -18.04
N HIS A 219 21.67 15.48 -16.94
CA HIS A 219 20.67 14.42 -16.86
C HIS A 219 19.26 14.97 -16.99
N LEU A 220 19.01 16.13 -16.42
CA LEU A 220 17.68 16.75 -16.50
C LEU A 220 17.19 16.92 -17.92
N LYS A 221 18.11 17.17 -18.87
CA LYS A 221 17.75 17.36 -20.26
C LYS A 221 17.21 16.07 -20.85
N THR A 222 17.53 14.96 -20.21
CA THR A 222 17.03 13.67 -20.61
C THR A 222 15.54 13.45 -20.25
N ILE A 223 15.13 13.95 -19.10
CA ILE A 223 13.77 13.79 -18.62
C ILE A 223 12.73 14.46 -19.50
N LYS A 224 11.69 13.69 -19.84
CA LYS A 224 10.60 14.18 -20.69
C LYS A 224 9.69 15.21 -20.00
N ASN A 225 9.35 16.24 -20.74
CA ASN A 225 8.47 17.31 -20.26
C ASN A 225 9.07 18.21 -19.19
N ILE A 226 10.39 18.17 -19.07
CA ILE A 226 11.06 19.00 -18.08
C ILE A 226 11.43 20.30 -18.75
N SER A 227 11.04 21.42 -18.18
CA SER A 227 11.34 22.71 -18.77
C SER A 227 12.69 23.21 -18.30
N ILE A 228 13.72 23.10 -19.15
CA ILE A 228 15.06 23.58 -18.77
C ILE A 228 15.13 25.09 -18.96
N ASN A 229 15.40 25.79 -17.87
CA ASN A 229 15.50 27.22 -17.89
C ASN A 229 16.65 27.72 -18.75
N GLY A 230 16.34 28.60 -19.71
CA GLY A 230 17.35 29.11 -20.60
C GLY A 230 18.53 29.68 -19.89
N CYS A 231 18.34 30.78 -19.16
CA CYS A 231 19.44 31.39 -18.42
C CYS A 231 20.33 30.45 -17.67
N TYR A 232 19.72 29.64 -16.79
CA TYR A 232 20.47 28.66 -16.02
C TYR A 232 21.32 27.81 -16.97
N ASP A 233 20.70 27.30 -18.02
CA ASP A 233 21.40 26.47 -18.97
C ASP A 233 22.58 27.17 -19.56
N LEU A 234 22.51 28.49 -19.63
CA LEU A 234 23.60 29.24 -20.20
C LEU A 234 24.69 29.47 -19.16
N GLU A 235 24.28 29.84 -17.96
CA GLU A 235 25.17 30.12 -16.86
C GLU A 235 25.83 28.81 -16.41
N ILE A 236 25.07 27.72 -16.43
CA ILE A 236 25.61 26.43 -15.99
C ILE A 236 26.62 25.96 -17.00
N ASN A 237 26.32 26.25 -18.25
CA ASN A 237 27.19 25.86 -19.33
C ASN A 237 28.53 26.63 -19.25
N TYR A 238 28.45 27.88 -18.78
CA TYR A 238 29.64 28.71 -18.61
C TYR A 238 30.47 28.08 -17.49
N LEU A 239 29.80 27.67 -16.41
CA LEU A 239 30.49 27.02 -15.29
C LEU A 239 31.12 25.73 -15.82
N LYS A 240 30.49 25.08 -16.78
CA LYS A 240 31.07 23.88 -17.35
C LYS A 240 32.40 24.22 -17.99
N GLN A 241 32.45 25.34 -18.71
CA GLN A 241 33.67 25.77 -19.37
C GLN A 241 34.79 26.00 -18.36
N ILE A 242 34.54 26.84 -17.37
CA ILE A 242 35.54 27.08 -16.36
C ILE A 242 35.92 25.74 -15.67
N TYR A 243 35.00 24.81 -15.65
CA TYR A 243 35.30 23.53 -15.03
C TYR A 243 36.37 22.83 -15.86
N GLN A 244 36.18 22.80 -17.15
CA GLN A 244 37.14 22.17 -18.04
C GLN A 244 38.49 22.88 -18.00
N PHE A 245 38.47 24.17 -17.72
CA PHE A 245 39.70 24.95 -17.67
C PHE A 245 40.49 24.59 -16.42
N LEU A 246 39.81 24.48 -15.28
CA LEU A 246 40.47 24.10 -14.04
C LEU A 246 40.99 22.66 -14.15
N THR A 247 40.31 21.84 -14.92
CA THR A 247 40.72 20.47 -15.08
C THR A 247 41.96 20.27 -15.95
N ASP A 248 41.85 20.62 -17.22
CA ASP A 248 42.95 20.44 -18.19
C ASP A 248 43.63 21.73 -18.64
N LYS A 249 43.51 22.78 -17.85
CA LYS A 249 44.11 24.06 -18.17
C LYS A 249 43.98 24.39 -19.65
N ASN A 250 42.92 23.93 -20.28
CA ASN A 250 42.72 24.19 -21.70
C ASN A 250 42.31 25.65 -21.90
N ILE A 251 42.95 26.34 -22.83
CA ILE A 251 42.64 27.74 -23.08
C ILE A 251 41.34 27.99 -23.86
N ASP A 252 41.00 27.09 -24.77
CA ASP A 252 39.76 27.25 -25.53
C ASP A 252 38.60 27.40 -24.56
N SER A 253 38.54 26.50 -23.58
CA SER A 253 37.49 26.52 -22.59
C SER A 253 37.40 27.83 -21.87
N TYR A 254 38.54 28.39 -21.53
CA TYR A 254 38.56 29.67 -20.83
C TYR A 254 37.95 30.72 -21.77
N LEU A 255 38.35 30.68 -23.03
CA LEU A 255 37.82 31.67 -23.96
C LEU A 255 36.31 31.56 -24.05
N ASN A 256 35.80 30.36 -24.25
CA ASN A 256 34.35 30.12 -24.32
C ASN A 256 33.63 30.69 -23.10
N ALA A 257 34.17 30.45 -21.92
CA ALA A 257 33.56 30.97 -20.70
C ALA A 257 33.46 32.47 -20.81
N VAL A 258 34.54 33.11 -21.28
CA VAL A 258 34.58 34.57 -21.41
C VAL A 258 33.59 35.02 -22.45
N ASN A 259 33.50 34.24 -23.52
CA ASN A 259 32.61 34.54 -24.61
C ASN A 259 31.16 34.46 -24.12
N ILE A 260 30.83 33.45 -23.32
CA ILE A 260 29.48 33.32 -22.78
C ILE A 260 29.18 34.59 -21.95
N ILE A 261 30.07 34.92 -21.02
CA ILE A 261 29.89 36.12 -20.21
C ILE A 261 29.57 37.29 -21.12
N ASN A 262 30.21 37.33 -22.29
CA ASN A 262 29.98 38.43 -23.24
C ASN A 262 28.52 38.46 -23.72
N ILE A 263 28.03 37.30 -24.11
CA ILE A 263 26.66 37.18 -24.60
C ILE A 263 25.64 37.76 -23.63
N PHE A 264 25.86 37.57 -22.34
CA PHE A 264 24.94 38.12 -21.36
C PHE A 264 24.87 39.61 -21.45
N LYS A 265 25.98 40.24 -21.84
CA LYS A 265 26.00 41.70 -22.00
C LYS A 265 25.23 42.07 -23.28
N ILE A 266 25.53 41.36 -24.35
CA ILE A 266 24.90 41.57 -25.64
C ILE A 266 23.36 41.46 -25.58
N ILE A 267 22.83 40.51 -24.84
CA ILE A 267 21.37 40.33 -24.75
C ILE A 267 20.69 41.14 -23.66
N GLY A 268 21.46 41.94 -22.93
CA GLY A 268 20.86 42.76 -21.89
C GLY A 268 20.82 42.28 -20.44
N LYS A 269 21.33 41.08 -20.15
CA LYS A 269 21.32 40.58 -18.78
C LYS A 269 22.37 41.27 -17.93
N GLU A 270 22.06 42.51 -17.50
CA GLU A 270 22.97 43.34 -16.71
C GLU A 270 23.56 42.65 -15.50
N ASP A 271 22.72 42.25 -14.56
CA ASP A 271 23.17 41.59 -13.34
C ASP A 271 23.94 40.31 -13.57
N ILE A 272 23.44 39.45 -14.46
CA ILE A 272 24.14 38.20 -14.74
C ILE A 272 25.54 38.51 -15.23
N HIS A 273 25.68 39.55 -16.05
CA HIS A 273 26.99 39.89 -16.58
C HIS A 273 27.89 40.30 -15.43
N ARG A 274 27.40 41.28 -14.66
CA ARG A 274 28.13 41.80 -13.50
C ARG A 274 28.54 40.61 -12.66
N SER A 275 27.60 39.72 -12.39
CA SER A 275 27.82 38.53 -11.59
C SER A 275 28.96 37.62 -12.11
N LEU A 276 28.84 37.14 -13.35
CA LEU A 276 29.84 36.27 -13.94
C LEU A 276 31.22 36.92 -14.16
N VAL A 277 31.27 38.25 -14.22
CA VAL A 277 32.55 38.90 -14.38
C VAL A 277 33.31 38.80 -13.05
N GLU A 278 32.65 39.27 -12.00
CA GLU A 278 33.21 39.26 -10.67
C GLU A 278 33.57 37.83 -10.32
N GLU A 279 32.91 36.89 -10.94
CA GLU A 279 33.16 35.49 -10.67
C GLU A 279 34.41 34.97 -11.37
N LEU A 280 34.51 35.24 -12.67
CA LEU A 280 35.65 34.79 -13.43
C LEU A 280 36.89 35.49 -12.91
N THR A 281 36.71 36.68 -12.36
CA THR A 281 37.86 37.39 -11.82
C THR A 281 38.44 36.60 -10.65
N LYS A 282 37.60 36.34 -9.65
CA LYS A 282 38.00 35.62 -8.46
C LYS A 282 38.60 34.27 -8.78
N ILE A 283 37.92 33.50 -9.59
CA ILE A 283 38.41 32.18 -9.94
C ILE A 283 39.75 32.30 -10.64
N SER A 284 39.96 33.35 -11.42
CA SER A 284 41.25 33.50 -12.13
C SER A 284 42.34 33.88 -11.15
N ALA A 285 41.99 34.69 -10.17
CA ALA A 285 42.94 35.09 -9.15
C ALA A 285 43.47 33.82 -8.45
N LYS A 286 42.57 33.07 -7.86
CA LYS A 286 42.93 31.85 -7.17
C LYS A 286 43.71 30.95 -8.09
N GLU A 287 43.76 31.26 -9.37
CA GLU A 287 44.48 30.40 -10.31
C GLU A 287 45.78 30.98 -10.85
N LYS A 288 46.17 32.15 -10.33
CA LYS A 288 47.37 32.82 -10.78
C LYS A 288 47.23 33.27 -12.25
N PHE A 289 46.09 33.87 -12.58
CA PHE A 289 45.82 34.35 -13.94
C PHE A 289 45.27 35.77 -13.95
N THR A 290 45.31 36.40 -15.11
CA THR A 290 44.81 37.75 -15.27
C THR A 290 43.86 37.76 -16.46
N PRO A 291 42.55 37.81 -16.19
CA PRO A 291 41.54 37.82 -17.26
C PRO A 291 41.79 38.92 -18.28
N PRO A 292 41.22 38.78 -19.49
CA PRO A 292 41.39 39.78 -20.56
C PRO A 292 41.16 41.19 -20.05
N LYS A 293 41.62 42.18 -20.82
CA LYS A 293 41.48 43.58 -20.42
C LYS A 293 40.05 44.05 -20.17
N GLU A 294 39.07 43.54 -20.92
CA GLU A 294 37.70 43.99 -20.72
C GLU A 294 37.11 43.42 -19.43
N VAL A 295 37.18 42.09 -19.27
CA VAL A 295 36.67 41.45 -18.06
C VAL A 295 37.24 42.18 -16.85
N THR A 296 38.55 42.34 -16.85
CA THR A 296 39.22 43.04 -15.76
C THR A 296 38.86 44.53 -15.75
N MET A 297 38.37 45.04 -16.88
CA MET A 297 37.99 46.44 -16.98
C MET A 297 36.63 46.69 -16.34
N TYR A 298 35.71 45.75 -16.54
CA TYR A 298 34.36 45.84 -15.99
C TYR A 298 34.43 45.74 -14.47
N TYR A 299 35.20 44.77 -13.99
CA TYR A 299 35.34 44.55 -12.56
C TYR A 299 35.41 45.84 -11.76
N GLU A 300 36.55 46.54 -11.84
CA GLU A 300 36.72 47.79 -11.08
C GLU A 300 35.57 48.74 -11.33
N ASN A 301 35.07 48.76 -12.56
CA ASN A 301 33.97 49.63 -12.93
C ASN A 301 32.73 49.27 -12.10
N TYR A 302 32.46 47.97 -11.97
CA TYR A 302 31.33 47.51 -11.16
C TYR A 302 31.68 47.76 -9.70
N VAL A 303 32.69 47.04 -9.21
CA VAL A 303 33.12 47.18 -7.82
C VAL A 303 33.64 48.60 -7.58
N ALA A 304 32.70 49.52 -7.41
CA ALA A 304 32.97 50.92 -7.18
C ALA A 304 31.63 51.61 -7.21
N ILE A 305 30.86 51.29 -8.26
CA ILE A 305 29.51 51.83 -8.42
C ILE A 305 28.55 50.71 -8.01
N GLU A 306 29.10 49.75 -7.27
CA GLU A 306 28.37 48.58 -6.78
C GLU A 306 28.86 48.18 -5.39
N ASN A 307 30.10 47.69 -5.33
CA ASN A 307 30.75 47.28 -4.08
C ASN A 307 30.14 46.03 -3.44
N ASN A 308 28.84 46.10 -3.16
CA ASN A 308 28.12 45.00 -2.55
C ASN A 308 26.77 44.82 -3.26
N PRO A 309 26.72 43.94 -4.27
CA PRO A 309 25.51 43.66 -5.04
C PRO A 309 24.51 42.73 -4.36
N ILE A 310 23.26 42.84 -4.78
CA ILE A 310 22.17 42.01 -4.25
C ILE A 310 22.13 40.75 -5.08
N PRO A 311 22.07 39.58 -4.43
CA PRO A 311 22.01 38.32 -5.17
C PRO A 311 20.75 38.21 -6.02
N GLU A 312 20.80 37.36 -7.04
CA GLU A 312 19.64 37.16 -7.89
C GLU A 312 18.49 36.54 -7.11
N ILE A 313 17.26 36.91 -7.46
CA ILE A 313 16.08 36.36 -6.81
C ILE A 313 15.01 36.03 -7.85
N LYS A 314 14.63 34.76 -7.93
CA LYS A 314 13.58 34.31 -8.83
C LYS A 314 12.31 34.09 -7.99
N GLU A 315 11.16 34.41 -8.59
CA GLU A 315 9.88 34.24 -7.90
C GLU A 315 8.78 33.77 -8.83
N MET B 1 45.70 -13.72 -22.00
CA MET B 1 45.17 -14.52 -20.86
C MET B 1 43.87 -15.21 -21.24
N PHE B 2 43.17 -14.64 -22.22
CA PHE B 2 41.92 -15.22 -22.71
C PHE B 2 42.08 -15.59 -24.19
N LYS B 3 41.87 -16.86 -24.50
CA LYS B 3 42.00 -17.37 -25.87
C LYS B 3 40.86 -16.83 -26.75
N ILE B 4 40.81 -15.52 -26.93
CA ILE B 4 39.76 -14.89 -27.74
C ILE B 4 39.95 -15.24 -29.20
N GLY B 5 41.21 -15.21 -29.65
CA GLY B 5 41.53 -15.55 -31.04
C GLY B 5 41.02 -16.94 -31.34
N SER B 6 41.28 -17.86 -30.41
CA SER B 6 40.82 -19.22 -30.56
C SER B 6 39.31 -19.27 -30.89
N VAL B 7 38.53 -18.48 -30.13
CA VAL B 7 37.10 -18.44 -30.31
C VAL B 7 36.73 -17.87 -31.66
N LEU B 8 37.34 -16.74 -32.04
CA LEU B 8 37.05 -16.15 -33.35
C LEU B 8 37.19 -17.19 -34.44
N LYS B 9 38.31 -17.90 -34.43
CA LYS B 9 38.55 -18.91 -35.43
C LYS B 9 37.44 -19.96 -35.40
N GLN B 10 37.20 -20.51 -34.22
CA GLN B 10 36.18 -21.52 -34.04
C GLN B 10 34.87 -21.06 -34.64
N ILE B 11 34.42 -19.86 -34.27
CA ILE B 11 33.16 -19.35 -34.78
C ILE B 11 33.24 -19.14 -36.28
N ARG B 12 34.34 -18.54 -36.72
CA ARG B 12 34.54 -18.27 -38.13
C ARG B 12 34.44 -19.54 -38.96
N GLN B 13 35.20 -20.57 -38.57
CA GLN B 13 35.20 -21.83 -39.29
C GLN B 13 33.88 -22.57 -39.22
N GLU B 14 33.19 -22.48 -38.10
CA GLU B 14 31.92 -23.19 -37.99
C GLU B 14 30.92 -22.53 -38.90
N LEU B 15 31.01 -21.21 -38.94
CA LEU B 15 30.10 -20.43 -39.76
C LEU B 15 30.49 -20.45 -41.23
N ASN B 16 31.60 -21.11 -41.52
CA ASN B 16 32.12 -21.23 -42.88
C ASN B 16 32.65 -19.93 -43.48
N TYR B 17 32.94 -18.93 -42.67
CA TYR B 17 33.50 -17.68 -43.18
C TYR B 17 35.02 -17.85 -43.41
N HIS B 18 35.57 -17.08 -44.34
CA HIS B 18 37.00 -17.13 -44.63
C HIS B 18 37.67 -15.95 -43.96
N GLN B 19 38.93 -16.13 -43.56
CA GLN B 19 39.71 -15.09 -42.88
C GLN B 19 39.53 -13.73 -43.54
N ILE B 20 39.51 -13.72 -44.86
CA ILE B 20 39.32 -12.48 -45.60
C ILE B 20 38.04 -11.77 -45.16
N ASP B 21 37.01 -12.53 -44.84
CA ASP B 21 35.73 -11.95 -44.44
C ASP B 21 35.84 -11.19 -43.13
N LEU B 22 36.92 -11.45 -42.40
CA LEU B 22 37.12 -10.79 -41.12
C LEU B 22 38.11 -9.63 -41.12
N TYR B 23 39.37 -9.90 -41.44
CA TYR B 23 40.41 -8.87 -41.42
C TYR B 23 40.31 -7.83 -42.55
N SER B 24 39.68 -8.18 -43.67
CA SER B 24 39.53 -7.24 -44.77
C SER B 24 38.81 -5.96 -44.33
N GLY B 25 39.54 -4.85 -44.32
CA GLY B 25 38.95 -3.58 -43.93
C GLY B 25 39.33 -3.21 -42.52
N ILE B 26 39.64 -4.23 -41.73
CA ILE B 26 40.00 -4.02 -40.33
C ILE B 26 41.52 -4.05 -40.15
N MET B 27 42.14 -5.15 -40.56
CA MET B 27 43.58 -5.32 -40.40
C MET B 27 44.22 -6.18 -41.51
N SER B 28 45.53 -6.40 -41.39
CA SER B 28 46.27 -7.18 -42.38
C SER B 28 46.15 -8.67 -42.14
N LYS B 29 46.02 -9.44 -43.21
CA LYS B 29 45.90 -10.88 -43.11
C LYS B 29 46.98 -11.52 -42.24
N SER B 30 48.15 -10.90 -42.22
CA SER B 30 49.27 -11.44 -41.44
C SER B 30 49.03 -11.19 -39.96
N VAL B 31 48.65 -9.96 -39.65
CA VAL B 31 48.39 -9.58 -38.26
C VAL B 31 47.15 -10.29 -37.71
N TYR B 32 46.17 -10.50 -38.56
CA TYR B 32 44.94 -11.18 -38.18
C TYR B 32 45.27 -12.60 -37.77
N ILE B 33 46.09 -13.28 -38.56
CA ILE B 33 46.49 -14.64 -38.24
C ILE B 33 47.21 -14.60 -36.89
N LYS B 34 47.79 -13.45 -36.57
CA LYS B 34 48.51 -13.28 -35.33
C LYS B 34 47.51 -13.16 -34.21
N VAL B 35 46.38 -12.54 -34.51
CA VAL B 35 45.29 -12.39 -33.54
C VAL B 35 44.63 -13.74 -33.28
N GLU B 36 44.12 -14.32 -34.36
CA GLU B 36 43.45 -15.61 -34.32
C GLU B 36 44.33 -16.72 -33.76
N ALA B 37 45.59 -16.40 -33.48
CA ALA B 37 46.53 -17.40 -32.97
C ALA B 37 46.82 -17.20 -31.50
N ASP B 38 46.25 -16.13 -30.95
CA ASP B 38 46.41 -15.78 -29.55
C ASP B 38 47.85 -15.44 -29.26
N SER B 39 48.46 -14.69 -30.19
CA SER B 39 49.84 -14.27 -30.03
C SER B 39 49.86 -12.75 -29.99
N ARG B 40 48.89 -12.15 -30.68
CA ARG B 40 48.79 -10.70 -30.68
C ARG B 40 47.51 -10.25 -29.97
N PRO B 41 47.61 -9.23 -29.11
CA PRO B 41 46.44 -8.72 -28.38
C PRO B 41 45.40 -8.18 -29.34
N ILE B 42 44.14 -8.18 -28.91
CA ILE B 42 43.03 -7.67 -29.70
C ILE B 42 42.27 -6.63 -28.88
N SER B 43 42.01 -5.49 -29.51
CA SER B 43 41.31 -4.40 -28.84
C SER B 43 39.83 -4.68 -28.85
N VAL B 44 39.13 -4.12 -27.88
CA VAL B 44 37.70 -4.34 -27.83
C VAL B 44 37.09 -3.82 -29.13
N GLU B 45 37.66 -2.76 -29.69
CA GLU B 45 37.15 -2.20 -30.95
C GLU B 45 37.26 -3.23 -32.08
N GLU B 46 38.42 -3.86 -32.17
CA GLU B 46 38.64 -4.86 -33.19
C GLU B 46 37.63 -5.96 -32.99
N LEU B 47 37.58 -6.50 -31.76
CA LEU B 47 36.65 -7.59 -31.43
C LEU B 47 35.21 -7.20 -31.73
N SER B 48 34.88 -5.94 -31.47
CA SER B 48 33.55 -5.45 -31.73
C SER B 48 33.19 -5.61 -33.21
N LYS B 49 34.14 -5.33 -34.10
CA LYS B 49 33.92 -5.44 -35.54
C LYS B 49 33.87 -6.90 -35.98
N PHE B 50 34.75 -7.72 -35.42
CA PHE B 50 34.73 -9.14 -35.80
C PHE B 50 33.39 -9.75 -35.34
N SER B 51 32.92 -9.29 -34.19
CA SER B 51 31.68 -9.76 -33.65
C SER B 51 30.57 -9.43 -34.66
N GLU B 52 30.60 -8.23 -35.21
CA GLU B 52 29.59 -7.83 -36.17
C GLU B 52 29.68 -8.64 -37.45
N ARG B 53 30.89 -8.95 -37.87
CA ARG B 53 31.05 -9.72 -39.09
C ARG B 53 30.59 -11.17 -38.91
N LEU B 54 30.94 -11.78 -37.77
CA LEU B 54 30.52 -13.15 -37.49
C LEU B 54 28.99 -13.30 -37.30
N GLY B 55 28.34 -12.26 -36.77
CA GLY B 55 26.91 -12.31 -36.51
C GLY B 55 26.60 -12.94 -35.14
N VAL B 56 27.64 -13.06 -34.32
CA VAL B 56 27.51 -13.65 -33.00
C VAL B 56 27.70 -12.55 -31.95
N ASN B 57 26.92 -12.61 -30.88
CA ASN B 57 26.99 -11.62 -29.83
C ASN B 57 28.41 -11.35 -29.29
N PHE B 58 28.74 -10.08 -29.12
CA PHE B 58 30.03 -9.63 -28.61
C PHE B 58 30.32 -10.27 -27.27
N PHE B 59 29.40 -10.06 -26.34
CA PHE B 59 29.55 -10.62 -25.00
C PHE B 59 29.59 -12.14 -24.98
N GLU B 60 28.91 -12.78 -25.91
CA GLU B 60 28.92 -14.24 -25.94
C GLU B 60 30.32 -14.67 -26.32
N ILE B 61 30.91 -13.97 -27.29
CA ILE B 61 32.26 -14.29 -27.71
C ILE B 61 33.18 -14.21 -26.50
N LEU B 62 33.13 -13.10 -25.77
CA LEU B 62 33.96 -12.95 -24.57
C LEU B 62 33.71 -14.12 -23.61
N ASN B 63 32.45 -14.41 -23.30
CA ASN B 63 32.15 -15.51 -22.42
C ASN B 63 32.77 -16.78 -22.93
N ARG B 64 32.54 -17.10 -24.20
CA ARG B 64 33.09 -18.34 -24.75
C ARG B 64 34.60 -18.37 -24.62
N ALA B 65 35.20 -17.18 -24.61
CA ALA B 65 36.64 -17.05 -24.52
C ALA B 65 37.17 -17.39 -23.15
N GLY B 66 36.27 -17.52 -22.18
CA GLY B 66 36.65 -17.87 -20.83
C GLY B 66 36.30 -16.85 -19.78
N MET B 67 35.73 -15.72 -20.20
CA MET B 67 35.32 -14.69 -19.26
C MET B 67 33.88 -14.98 -18.83
N ASN B 68 33.42 -16.20 -19.10
CA ASN B 68 32.06 -16.62 -18.74
C ASN B 68 32.06 -17.27 -17.36
N THR B 69 33.06 -16.90 -16.56
CA THR B 69 33.19 -17.44 -15.21
C THR B 69 33.99 -16.49 -14.33
N LYS B 70 33.37 -16.02 -13.25
CA LYS B 70 34.04 -15.11 -12.33
C LYS B 70 35.02 -15.88 -11.47
N SER B 71 35.93 -16.58 -12.15
CA SER B 71 36.99 -17.37 -11.52
C SER B 71 38.25 -17.07 -12.31
N VAL B 72 38.19 -15.99 -13.09
CA VAL B 72 39.31 -15.56 -13.92
C VAL B 72 40.38 -14.87 -13.09
N ASN B 73 39.95 -14.15 -12.05
CA ASN B 73 40.88 -13.43 -11.17
C ASN B 73 40.71 -13.76 -9.71
N GLU B 74 41.64 -13.26 -8.90
CA GLU B 74 41.65 -13.48 -7.46
C GLU B 74 40.27 -13.38 -6.79
N THR B 75 39.75 -12.17 -6.71
CA THR B 75 38.46 -11.93 -6.08
C THR B 75 37.41 -12.95 -6.47
N GLY B 76 37.46 -13.42 -7.72
CA GLY B 76 36.47 -14.38 -8.17
C GLY B 76 36.50 -15.61 -7.29
N LYS B 77 37.68 -16.20 -7.16
CA LYS B 77 37.85 -17.40 -6.36
C LYS B 77 37.34 -17.18 -4.93
N GLU B 78 37.69 -16.04 -4.36
CA GLU B 78 37.30 -15.71 -2.98
C GLU B 78 35.78 -15.70 -2.74
N LYS B 79 35.02 -15.20 -3.72
CA LYS B 79 33.58 -15.12 -3.61
C LYS B 79 32.94 -16.48 -3.71
N LEU B 80 33.53 -17.35 -4.52
CA LEU B 80 33.01 -18.70 -4.68
C LEU B 80 33.26 -19.48 -3.39
N LEU B 81 34.34 -19.11 -2.69
CA LEU B 81 34.73 -19.75 -1.45
C LEU B 81 33.76 -19.45 -0.30
N ILE B 82 33.13 -18.28 -0.38
CA ILE B 82 32.16 -17.85 0.63
C ILE B 82 31.12 -18.93 0.82
N SER B 83 30.60 -19.47 -0.26
CA SER B 83 29.59 -20.52 -0.19
C SER B 83 30.16 -21.74 0.56
N LYS B 84 31.39 -22.08 0.22
CA LYS B 84 32.07 -23.19 0.84
C LYS B 84 32.19 -22.97 2.35
N ILE B 85 32.74 -21.82 2.75
CA ILE B 85 32.93 -21.49 4.17
C ILE B 85 31.58 -21.39 4.88
N PHE B 86 30.52 -21.25 4.10
CA PHE B 86 29.19 -21.10 4.69
C PHE B 86 28.57 -22.42 5.09
N THR B 87 29.03 -23.50 4.46
CA THR B 87 28.51 -24.82 4.76
C THR B 87 29.58 -25.61 5.49
N ASN B 88 30.76 -25.01 5.59
CA ASN B 88 31.91 -25.60 6.27
C ASN B 88 32.50 -24.54 7.17
N PRO B 89 31.73 -24.08 8.16
CA PRO B 89 32.17 -23.04 9.09
C PRO B 89 33.45 -23.33 9.86
N ASP B 90 34.07 -24.48 9.61
CA ASP B 90 35.32 -24.82 10.26
C ASP B 90 36.47 -24.13 9.53
N LEU B 91 36.25 -23.89 8.24
CA LEU B 91 37.26 -23.24 7.41
C LEU B 91 37.21 -21.72 7.54
N PHE B 92 36.38 -21.23 8.45
CA PHE B 92 36.21 -19.80 8.67
C PHE B 92 37.49 -19.10 9.09
N ASP B 93 37.97 -19.43 10.30
CA ASP B 93 39.19 -18.84 10.85
C ASP B 93 40.35 -18.60 9.88
N LYS B 94 41.05 -19.66 9.48
CA LYS B 94 42.20 -19.49 8.58
C LYS B 94 41.92 -18.57 7.39
N ASN B 95 40.74 -18.70 6.80
CA ASN B 95 40.35 -17.88 5.65
C ASN B 95 40.03 -16.43 5.99
N PHE B 96 39.26 -16.23 7.05
CA PHE B 96 38.91 -14.89 7.51
C PHE B 96 40.19 -14.10 7.90
N GLN B 97 41.21 -14.80 8.40
CA GLN B 97 42.48 -14.18 8.79
C GLN B 97 43.14 -13.55 7.56
N ARG B 98 42.86 -14.11 6.40
CA ARG B 98 43.46 -13.64 5.16
C ARG B 98 42.68 -12.53 4.47
N ILE B 99 41.36 -12.55 4.63
CA ILE B 99 40.54 -11.54 3.99
C ILE B 99 40.48 -10.26 4.81
N GLU B 100 40.21 -10.42 6.12
CA GLU B 100 40.08 -9.29 7.04
C GLU B 100 41.10 -8.17 6.77
N PRO B 101 42.39 -8.52 6.66
CA PRO B 101 43.40 -7.50 6.41
C PRO B 101 43.29 -6.76 5.09
N LYS B 102 42.68 -7.37 4.07
CA LYS B 102 42.55 -6.74 2.76
C LYS B 102 41.16 -6.17 2.48
N ARG B 103 40.34 -6.03 3.52
CA ARG B 103 38.98 -5.55 3.35
C ARG B 103 38.83 -4.16 2.72
N LEU B 104 39.86 -3.33 2.79
CA LEU B 104 39.76 -2.01 2.21
C LEU B 104 40.64 -1.85 0.99
N THR B 105 41.15 -2.97 0.49
CA THR B 105 42.04 -2.99 -0.68
C THR B 105 41.29 -2.60 -1.94
N SER B 106 39.98 -2.84 -1.96
CA SER B 106 39.15 -2.51 -3.10
C SER B 106 37.74 -2.91 -2.72
N LEU B 107 36.74 -2.27 -3.33
CA LEU B 107 35.36 -2.57 -3.02
C LEU B 107 35.08 -4.07 -3.11
N GLN B 108 35.78 -4.73 -4.02
CA GLN B 108 35.61 -6.15 -4.20
C GLN B 108 35.88 -6.91 -2.92
N TYR B 109 37.08 -6.69 -2.36
CA TYR B 109 37.48 -7.35 -1.13
C TYR B 109 36.61 -6.98 0.07
N PHE B 110 36.05 -5.78 0.05
CA PHE B 110 35.22 -5.35 1.16
C PHE B 110 33.92 -6.12 1.11
N SER B 111 33.43 -6.37 -0.11
CA SER B 111 32.19 -7.12 -0.28
C SER B 111 32.45 -8.54 0.25
N ILE B 112 33.62 -9.07 -0.10
CA ILE B 112 34.03 -10.40 0.35
C ILE B 112 34.14 -10.37 1.88
N TYR B 113 34.69 -9.29 2.43
CA TYR B 113 34.83 -9.13 3.86
C TYR B 113 33.46 -9.22 4.55
N LEU B 114 32.52 -8.39 4.12
CA LEU B 114 31.19 -8.43 4.69
C LEU B 114 30.59 -9.81 4.51
N GLY B 115 30.99 -10.49 3.44
CA GLY B 115 30.50 -11.84 3.21
C GLY B 115 30.87 -12.73 4.38
N TYR B 116 32.13 -12.70 4.83
CA TYR B 116 32.55 -13.51 5.95
C TYR B 116 31.83 -13.09 7.22
N ILE B 117 31.72 -11.79 7.42
CA ILE B 117 31.06 -11.28 8.62
C ILE B 117 29.66 -11.85 8.73
N SER B 118 29.00 -12.09 7.60
CA SER B 118 27.65 -12.70 7.62
C SER B 118 27.70 -14.13 8.16
N ILE B 119 28.57 -14.95 7.57
CA ILE B 119 28.75 -16.33 7.99
C ILE B 119 29.00 -16.36 9.51
N ALA B 120 29.80 -15.42 10.02
CA ALA B 120 30.11 -15.36 11.43
C ALA B 120 28.86 -15.17 12.27
N HIS B 121 28.11 -14.11 12.01
CA HIS B 121 26.90 -13.86 12.77
C HIS B 121 25.95 -15.06 12.77
N HIS B 122 25.79 -15.65 11.59
CA HIS B 122 24.94 -16.83 11.42
C HIS B 122 25.35 -17.94 12.36
N TYR B 123 26.63 -18.33 12.32
CA TYR B 123 27.16 -19.40 13.19
C TYR B 123 27.60 -18.88 14.56
N ASN B 124 27.08 -17.73 14.95
CA ASN B 124 27.41 -17.12 16.22
C ASN B 124 28.89 -17.13 16.49
N ILE B 125 29.68 -16.76 15.49
CA ILE B 125 31.12 -16.70 15.61
C ILE B 125 31.51 -15.27 15.99
N GLU B 126 32.43 -15.14 16.94
CA GLU B 126 32.90 -13.84 17.39
C GLU B 126 33.79 -13.11 16.39
N VAL B 127 33.35 -11.90 16.05
CA VAL B 127 34.08 -11.04 15.11
C VAL B 127 34.18 -9.65 15.69
N PRO B 128 35.04 -9.47 16.71
CA PRO B 128 35.26 -8.19 17.42
C PRO B 128 35.80 -7.03 16.61
N THR B 129 36.64 -7.35 15.63
CA THR B 129 37.27 -6.36 14.77
C THR B 129 36.22 -5.66 13.92
N PHE B 130 35.09 -6.32 13.72
CA PHE B 130 34.01 -5.76 12.94
C PHE B 130 33.39 -4.58 13.68
N ASN B 131 32.63 -4.91 14.74
CA ASN B 131 31.93 -3.90 15.55
C ASN B 131 32.84 -2.76 15.95
N LYS B 132 34.14 -3.01 15.95
CA LYS B 132 35.11 -1.98 16.32
C LYS B 132 35.59 -1.09 15.20
N THR B 133 35.54 -1.59 13.97
CA THR B 133 36.02 -0.77 12.86
C THR B 133 35.08 -0.50 11.70
N ILE B 134 33.93 -1.15 11.65
CA ILE B 134 33.08 -0.93 10.49
C ILE B 134 32.68 0.52 10.24
N THR B 135 32.24 1.23 11.28
CA THR B 135 31.83 2.64 11.10
C THR B 135 32.97 3.48 10.46
N SER B 136 34.18 3.16 10.87
CA SER B 136 35.36 3.81 10.35
C SER B 136 35.52 3.43 8.88
N ASP B 137 35.46 2.13 8.60
CA ASP B 137 35.61 1.61 7.24
C ASP B 137 34.64 2.29 6.29
N LEU B 138 33.36 2.30 6.64
CA LEU B 138 32.33 2.92 5.81
C LEU B 138 32.66 4.39 5.59
N LYS B 139 33.04 5.09 6.64
CA LYS B 139 33.40 6.49 6.52
C LYS B 139 34.46 6.59 5.43
N HIS B 140 35.46 5.73 5.53
CA HIS B 140 36.56 5.74 4.57
C HIS B 140 36.15 5.45 3.13
N LEU B 141 35.27 4.47 2.94
CA LEU B 141 34.81 4.08 1.61
C LEU B 141 33.78 5.04 1.04
N TYR B 142 32.78 5.36 1.83
CA TYR B 142 31.73 6.24 1.36
C TYR B 142 31.77 7.58 2.05
N ASP B 143 32.58 8.49 1.52
CA ASP B 143 32.70 9.82 2.10
C ASP B 143 32.79 10.86 1.00
N LYS B 144 33.62 10.60 0.01
CA LYS B 144 33.80 11.51 -1.10
C LYS B 144 33.14 10.88 -2.32
N ARG B 145 32.07 10.12 -2.09
CA ARG B 145 31.38 9.43 -3.17
C ARG B 145 30.20 10.17 -3.78
N THR B 146 30.16 10.20 -5.11
CA THR B 146 29.08 10.85 -5.84
C THR B 146 28.28 9.87 -6.74
N THR B 147 28.97 8.88 -7.31
CA THR B 147 28.34 7.86 -8.14
C THR B 147 28.63 6.46 -7.58
N PHE B 148 27.74 5.51 -7.84
CA PHE B 148 27.92 4.17 -7.34
C PHE B 148 27.93 3.11 -8.41
N PHE B 149 28.83 2.13 -8.30
CA PHE B 149 28.92 1.07 -9.28
C PHE B 149 28.25 -0.19 -8.76
N GLY B 150 28.27 -1.24 -9.56
CA GLY B 150 27.64 -2.47 -9.14
C GLY B 150 28.13 -2.98 -7.80
N ILE B 151 29.44 -3.03 -7.62
CA ILE B 151 29.96 -3.57 -6.36
C ILE B 151 29.50 -2.77 -5.14
N ASP B 152 29.18 -1.49 -5.35
CA ASP B 152 28.70 -0.61 -4.29
C ASP B 152 27.39 -1.12 -3.75
N TYR B 153 26.47 -1.44 -4.66
CA TYR B 153 25.18 -1.98 -4.28
C TYR B 153 25.32 -3.36 -3.67
N GLU B 154 26.31 -4.13 -4.13
CA GLU B 154 26.55 -5.44 -3.58
C GLU B 154 26.95 -5.26 -2.11
N ILE B 155 27.91 -4.38 -1.88
CA ILE B 155 28.40 -4.11 -0.54
C ILE B 155 27.24 -3.74 0.40
N VAL B 156 26.46 -2.76 0.01
CA VAL B 156 25.33 -2.34 0.84
C VAL B 156 24.32 -3.45 1.07
N SER B 157 24.17 -4.36 0.10
CA SER B 157 23.22 -5.45 0.26
C SER B 157 23.62 -6.36 1.40
N ASN B 158 24.90 -6.69 1.47
CA ASN B 158 25.44 -7.56 2.51
C ASN B 158 25.50 -6.81 3.82
N LEU B 159 25.67 -5.51 3.72
CA LEU B 159 25.73 -4.62 4.90
C LEU B 159 24.39 -4.57 5.65
N LEU B 160 23.29 -4.59 4.91
CA LEU B 160 21.98 -4.57 5.52
C LEU B 160 21.73 -5.83 6.32
N ASN B 161 22.56 -6.84 6.11
CA ASN B 161 22.39 -8.12 6.79
C ASN B 161 23.24 -8.28 8.04
N VAL B 162 24.22 -7.40 8.23
CA VAL B 162 25.08 -7.50 9.40
C VAL B 162 25.22 -6.20 10.19
N LEU B 163 24.32 -5.27 9.92
CA LEU B 163 24.36 -3.97 10.58
C LEU B 163 22.93 -3.48 10.79
N PRO B 164 22.64 -2.93 11.98
CA PRO B 164 21.27 -2.45 12.20
C PRO B 164 20.87 -1.46 11.13
N TYR B 165 19.68 -1.68 10.55
CA TYR B 165 19.18 -0.83 9.47
C TYR B 165 19.46 0.65 9.63
N GLU B 166 19.32 1.17 10.84
CA GLU B 166 19.55 2.58 11.06
C GLU B 166 20.94 3.06 10.71
N GLU B 167 21.95 2.20 10.81
CA GLU B 167 23.30 2.60 10.46
C GLU B 167 23.51 2.63 8.95
N VAL B 168 22.83 1.72 8.24
CA VAL B 168 22.95 1.60 6.80
C VAL B 168 22.07 2.60 6.06
N SER B 169 20.97 3.00 6.70
CA SER B 169 19.99 3.92 6.10
C SER B 169 20.57 5.08 5.30
N SER B 170 21.30 5.95 5.99
CA SER B 170 21.93 7.11 5.37
C SER B 170 22.85 6.81 4.17
N ILE B 171 23.45 5.61 4.12
CA ILE B 171 24.35 5.22 3.03
C ILE B 171 23.57 4.88 1.76
N ILE B 172 22.38 4.33 1.94
CA ILE B 172 21.54 3.93 0.83
C ILE B 172 20.87 5.07 0.09
N LYS B 173 20.23 5.96 0.83
CA LYS B 173 19.49 7.06 0.22
C LYS B 173 20.12 7.77 -0.95
N PRO B 174 21.42 8.09 -0.86
CA PRO B 174 22.06 8.76 -1.98
C PRO B 174 22.33 7.85 -3.17
N MET B 175 21.96 6.57 -3.06
CA MET B 175 22.18 5.60 -4.16
C MET B 175 20.93 5.34 -5.05
N TYR B 176 19.84 6.05 -4.75
CA TYR B 176 18.58 5.94 -5.49
C TYR B 176 18.01 7.34 -5.63
N PRO B 177 17.10 7.54 -6.58
CA PRO B 177 16.64 6.55 -7.55
C PRO B 177 17.69 6.23 -8.58
N ILE B 178 17.53 5.09 -9.24
CA ILE B 178 18.45 4.67 -10.29
C ILE B 178 17.92 5.25 -11.62
N VAL B 179 18.82 5.59 -12.52
CA VAL B 179 18.38 6.17 -13.78
C VAL B 179 18.79 5.39 -15.01
N ASP B 180 19.72 4.46 -14.86
CA ASP B 180 20.16 3.70 -16.01
C ASP B 180 20.61 2.29 -15.71
N SER B 181 20.69 1.46 -16.75
CA SER B 181 21.13 0.10 -16.58
C SER B 181 22.57 0.00 -17.09
N PHE B 182 23.39 -0.80 -16.42
CA PHE B 182 24.80 -0.96 -16.79
C PHE B 182 25.17 -2.43 -16.77
N GLY B 183 24.20 -3.28 -17.08
CA GLY B 183 24.51 -4.69 -17.12
C GLY B 183 23.65 -5.56 -16.25
N LYS B 184 23.58 -6.84 -16.58
CA LYS B 184 22.75 -7.75 -15.82
C LYS B 184 23.21 -7.79 -14.38
N ASP B 185 24.54 -7.77 -14.18
CA ASP B 185 25.12 -7.80 -12.84
C ASP B 185 24.70 -6.55 -12.06
N TYR B 186 24.82 -5.40 -12.71
CA TYR B 186 24.43 -4.14 -12.10
C TYR B 186 22.92 -4.12 -11.83
N ASP B 187 22.12 -4.57 -12.79
CA ASP B 187 20.68 -4.58 -12.59
C ASP B 187 20.29 -5.48 -11.42
N LEU B 188 21.05 -6.56 -11.21
CA LEU B 188 20.76 -7.51 -10.17
C LEU B 188 21.12 -6.99 -8.75
N THR B 189 22.29 -6.38 -8.59
CA THR B 189 22.66 -5.87 -7.28
C THR B 189 21.82 -4.67 -6.88
N ILE B 190 21.34 -3.91 -7.85
CA ILE B 190 20.56 -2.74 -7.51
C ILE B 190 19.19 -3.15 -7.00
N GLN B 191 18.76 -4.36 -7.34
CA GLN B 191 17.48 -4.87 -6.88
C GLN B 191 17.66 -5.57 -5.57
N THR B 192 18.82 -6.17 -5.32
CA THR B 192 19.04 -6.83 -4.04
C THR B 192 18.99 -5.83 -2.87
N VAL B 193 19.63 -4.67 -3.04
CA VAL B 193 19.57 -3.67 -1.98
C VAL B 193 18.10 -3.37 -1.68
N LEU B 194 17.32 -3.07 -2.70
CA LEU B 194 15.92 -2.78 -2.52
C LEU B 194 15.14 -3.90 -1.84
N LYS B 195 15.37 -5.13 -2.29
CA LYS B 195 14.70 -6.29 -1.73
C LYS B 195 15.07 -6.57 -0.28
N ASN B 196 16.34 -6.42 0.08
CA ASN B 196 16.71 -6.65 1.48
C ASN B 196 16.25 -5.51 2.37
N ALA B 197 16.30 -4.28 1.86
CA ALA B 197 15.88 -3.13 2.64
C ALA B 197 14.37 -3.14 2.82
N LEU B 198 13.65 -3.59 1.79
CA LEU B 198 12.20 -3.62 1.88
C LEU B 198 11.79 -4.65 2.91
N THR B 199 12.55 -5.74 2.98
CA THR B 199 12.27 -6.80 3.94
C THR B 199 12.50 -6.28 5.36
N ILE B 200 13.63 -5.60 5.57
CA ILE B 200 13.95 -5.06 6.87
C ILE B 200 12.91 -4.06 7.32
N SER B 201 12.49 -3.18 6.42
CA SER B 201 11.47 -2.18 6.75
C SER B 201 10.19 -2.83 7.25
N ILE B 202 9.64 -3.73 6.45
CA ILE B 202 8.43 -4.43 6.80
C ILE B 202 8.59 -5.18 8.12
N MET B 203 9.73 -5.80 8.35
CA MET B 203 9.94 -6.53 9.59
C MET B 203 9.92 -5.60 10.78
N ASN B 204 10.22 -4.33 10.54
CA ASN B 204 10.27 -3.34 11.60
C ASN B 204 9.03 -2.48 11.58
N ARG B 205 8.07 -2.88 10.77
CA ARG B 205 6.83 -2.14 10.64
C ARG B 205 7.08 -0.68 10.24
N ASN B 206 8.31 -0.35 9.88
CA ASN B 206 8.66 1.00 9.43
C ASN B 206 8.05 1.14 8.02
N LEU B 207 6.77 1.45 7.98
CA LEU B 207 6.09 1.55 6.69
C LEU B 207 6.47 2.71 5.79
N LYS B 208 6.92 3.81 6.39
CA LYS B 208 7.30 4.96 5.56
C LYS B 208 8.47 4.61 4.65
N GLU B 209 9.39 3.80 5.17
CA GLU B 209 10.55 3.34 4.42
C GLU B 209 10.13 2.26 3.43
N ALA B 210 9.40 1.26 3.91
CA ALA B 210 8.93 0.18 3.07
C ALA B 210 8.27 0.76 1.83
N GLN B 211 7.46 1.77 2.04
CA GLN B 211 6.79 2.43 0.93
C GLN B 211 7.84 2.97 -0.07
N TYR B 212 8.91 3.54 0.45
CA TYR B 212 9.95 4.13 -0.37
C TYR B 212 10.63 3.10 -1.25
N TYR B 213 11.06 2.01 -0.64
CA TYR B 213 11.72 0.95 -1.38
C TYR B 213 10.79 0.37 -2.44
N ILE B 214 9.50 0.21 -2.12
CA ILE B 214 8.59 -0.32 -3.10
C ILE B 214 8.57 0.61 -4.31
N ASN B 215 8.43 1.91 -4.07
CA ASN B 215 8.41 2.84 -5.18
C ASN B 215 9.69 2.75 -5.94
N GLN B 216 10.81 2.64 -5.24
CA GLN B 216 12.09 2.57 -5.93
C GLN B 216 12.16 1.39 -6.87
N PHE B 217 11.67 0.25 -6.41
CA PHE B 217 11.68 -0.95 -7.23
C PHE B 217 10.74 -0.75 -8.41
N GLU B 218 9.55 -0.25 -8.11
CA GLU B 218 8.57 -0.03 -9.15
C GLU B 218 9.15 0.84 -10.24
N HIS B 219 9.95 1.80 -9.83
CA HIS B 219 10.60 2.70 -10.76
C HIS B 219 11.54 1.95 -11.73
N LEU B 220 12.25 0.95 -11.21
CA LEU B 220 13.16 0.20 -12.04
C LEU B 220 12.49 -0.36 -13.27
N LYS B 221 11.24 -0.74 -13.15
CA LYS B 221 10.55 -1.31 -14.28
C LYS B 221 10.38 -0.29 -15.39
N THR B 222 10.55 0.96 -15.04
CA THR B 222 10.43 2.05 -16.00
C THR B 222 11.67 2.19 -16.89
N ILE B 223 12.82 1.91 -16.30
CA ILE B 223 14.09 2.04 -16.98
C ILE B 223 14.28 1.05 -18.11
N LYS B 224 14.67 1.58 -19.26
CA LYS B 224 14.90 0.81 -20.48
C LYS B 224 16.12 -0.10 -20.39
N ASN B 225 15.96 -1.34 -20.86
CA ASN B 225 17.02 -2.33 -20.87
C ASN B 225 17.45 -2.85 -19.50
N ILE B 226 16.61 -2.62 -18.49
CA ILE B 226 16.91 -3.10 -17.14
C ILE B 226 16.29 -4.47 -16.97
N SER B 227 17.10 -5.43 -16.59
CA SER B 227 16.63 -6.79 -16.43
C SER B 227 16.06 -7.02 -15.03
N ILE B 228 14.73 -7.00 -14.92
CA ILE B 228 14.09 -7.21 -13.61
C ILE B 228 14.06 -8.70 -13.29
N ASN B 229 14.72 -9.07 -12.19
CA ASN B 229 14.82 -10.44 -11.76
C ASN B 229 13.46 -11.00 -11.40
N GLY B 230 13.10 -12.12 -12.02
CA GLY B 230 11.82 -12.73 -11.76
C GLY B 230 11.54 -12.96 -10.29
N CYS B 231 12.32 -13.84 -9.67
CA CYS B 231 12.14 -14.13 -8.24
C CYS B 231 11.96 -12.90 -7.37
N TYR B 232 12.93 -12.00 -7.41
CA TYR B 232 12.84 -10.78 -6.65
C TYR B 232 11.49 -10.11 -6.90
N ASP B 233 11.12 -9.98 -8.18
CA ASP B 233 9.87 -9.33 -8.52
C ASP B 233 8.71 -10.01 -7.90
N LEU B 234 8.85 -11.29 -7.64
CA LEU B 234 7.76 -12.04 -7.02
C LEU B 234 7.76 -11.89 -5.52
N GLU B 235 8.94 -11.99 -4.92
CA GLU B 235 9.11 -11.86 -3.49
C GLU B 235 8.82 -10.41 -3.07
N ILE B 236 9.28 -9.43 -3.86
CA ILE B 236 9.05 -8.05 -3.53
C ILE B 236 7.57 -7.78 -3.63
N ASN B 237 6.93 -8.41 -4.62
CA ASN B 237 5.49 -8.24 -4.85
C ASN B 237 4.67 -8.80 -3.67
N TYR B 238 5.21 -9.82 -3.04
CA TYR B 238 4.59 -10.44 -1.88
C TYR B 238 4.73 -9.47 -0.73
N LEU B 239 5.92 -8.85 -0.59
CA LEU B 239 6.15 -7.87 0.49
C LEU B 239 5.22 -6.69 0.27
N LYS B 240 4.89 -6.39 -0.98
CA LYS B 240 3.98 -5.28 -1.27
C LYS B 240 2.63 -5.62 -0.64
N GLN B 241 2.17 -6.86 -0.83
CA GLN B 241 0.90 -7.33 -0.29
C GLN B 241 0.88 -7.16 1.23
N ILE B 242 1.82 -7.77 1.92
CA ILE B 242 1.88 -7.62 3.36
C ILE B 242 1.96 -6.13 3.74
N TYR B 243 2.54 -5.31 2.88
CA TYR B 243 2.63 -3.89 3.17
C TYR B 243 1.22 -3.32 3.21
N GLN B 244 0.44 -3.60 2.18
CA GLN B 244 -0.94 -3.12 2.11
C GLN B 244 -1.77 -3.65 3.28
N PHE B 245 -1.43 -4.84 3.77
CA PHE B 245 -2.15 -5.43 4.88
C PHE B 245 -1.86 -4.67 6.16
N LEU B 246 -0.59 -4.37 6.41
CA LEU B 246 -0.22 -3.61 7.60
C LEU B 246 -0.81 -2.19 7.54
N THR B 247 -0.99 -1.67 6.33
CA THR B 247 -1.53 -0.33 6.15
C THR B 247 -3.04 -0.25 6.39
N ASP B 248 -3.82 -0.92 5.54
CA ASP B 248 -5.27 -0.88 5.65
C ASP B 248 -5.93 -2.15 6.17
N LYS B 249 -5.17 -2.96 6.90
CA LYS B 249 -5.70 -4.19 7.45
C LYS B 249 -6.64 -4.89 6.48
N ASN B 250 -6.37 -4.75 5.18
CA ASN B 250 -7.19 -5.39 4.14
C ASN B 250 -6.89 -6.89 4.11
N ILE B 251 -7.94 -7.73 4.11
CA ILE B 251 -7.76 -9.17 4.11
C ILE B 251 -7.36 -9.75 2.75
N ASP B 252 -7.90 -9.16 1.67
CA ASP B 252 -7.55 -9.62 0.34
C ASP B 252 -6.03 -9.67 0.20
N SER B 253 -5.38 -8.56 0.54
CA SER B 253 -3.92 -8.43 0.47
C SER B 253 -3.23 -9.54 1.23
N TYR B 254 -3.74 -9.85 2.41
CA TYR B 254 -3.13 -10.90 3.21
C TYR B 254 -3.24 -12.23 2.48
N LEU B 255 -4.40 -12.49 1.89
CA LEU B 255 -4.58 -13.73 1.17
C LEU B 255 -3.60 -13.82 0.01
N ASN B 256 -3.54 -12.76 -0.82
CA ASN B 256 -2.62 -12.71 -1.92
C ASN B 256 -1.19 -13.03 -1.45
N ALA B 257 -0.78 -12.43 -0.35
CA ALA B 257 0.55 -12.68 0.15
C ALA B 257 0.75 -14.15 0.41
N VAL B 258 -0.27 -14.78 1.00
CA VAL B 258 -0.22 -16.20 1.31
C VAL B 258 -0.23 -17.01 0.03
N ASN B 259 -1.03 -16.55 -0.93
CA ASN B 259 -1.15 -17.22 -2.20
C ASN B 259 0.20 -17.22 -2.93
N ILE B 260 0.90 -16.08 -2.89
CA ILE B 260 2.22 -15.95 -3.52
C ILE B 260 3.15 -17.02 -2.87
N ILE B 261 3.20 -17.00 -1.54
CA ILE B 261 4.02 -17.96 -0.81
C ILE B 261 3.73 -19.38 -1.30
N ASN B 262 2.48 -19.61 -1.67
CA ASN B 262 2.09 -20.92 -2.16
C ASN B 262 2.78 -21.22 -3.48
N ILE B 263 2.70 -20.28 -4.41
CA ILE B 263 3.32 -20.44 -5.72
C ILE B 263 4.77 -20.87 -5.63
N PHE B 264 5.51 -20.32 -4.67
CA PHE B 264 6.92 -20.69 -4.54
C PHE B 264 7.08 -22.18 -4.25
N LYS B 265 6.08 -22.76 -3.59
CA LYS B 265 6.11 -24.18 -3.29
C LYS B 265 5.78 -24.97 -4.57
N ILE B 266 4.73 -24.54 -5.26
CA ILE B 266 4.29 -25.16 -6.51
C ILE B 266 5.38 -25.19 -7.58
N ILE B 267 6.18 -24.13 -7.69
CA ILE B 267 7.24 -24.09 -8.70
C ILE B 267 8.56 -24.69 -8.25
N GLY B 268 8.60 -25.15 -7.02
CA GLY B 268 9.82 -25.78 -6.53
C GLY B 268 10.84 -24.97 -5.75
N LYS B 269 10.59 -23.68 -5.52
CA LYS B 269 11.52 -22.83 -4.78
C LYS B 269 11.47 -23.15 -3.30
N GLU B 270 12.11 -24.25 -2.91
CA GLU B 270 12.14 -24.72 -1.52
C GLU B 270 12.50 -23.69 -0.46
N ASP B 271 13.73 -23.17 -0.53
CA ASP B 271 14.20 -22.18 0.41
C ASP B 271 13.35 -20.91 0.44
N ILE B 272 12.96 -20.40 -0.72
CA ILE B 272 12.17 -19.19 -0.76
C ILE B 272 10.87 -19.43 0.00
N HIS B 273 10.29 -20.62 -0.15
CA HIS B 273 9.04 -20.95 0.53
C HIS B 273 9.28 -20.97 2.02
N ARG B 274 10.24 -21.79 2.44
CA ARG B 274 10.60 -21.88 3.84
C ARG B 274 10.79 -20.46 4.38
N SER B 275 11.53 -19.65 3.64
CA SER B 275 11.83 -18.27 4.03
C SER B 275 10.58 -17.42 4.25
N LEU B 276 9.75 -17.29 3.22
CA LEU B 276 8.54 -16.47 3.32
C LEU B 276 7.52 -16.98 4.31
N VAL B 277 7.58 -18.25 4.67
CA VAL B 277 6.62 -18.78 5.63
C VAL B 277 7.03 -18.28 7.01
N GLU B 278 8.29 -18.54 7.36
CA GLU B 278 8.81 -18.13 8.64
C GLU B 278 8.70 -16.62 8.77
N GLU B 279 8.59 -15.94 7.64
CA GLU B 279 8.49 -14.48 7.63
C GLU B 279 7.07 -14.06 7.91
N LEU B 280 6.10 -14.62 7.16
CA LEU B 280 4.70 -14.27 7.36
C LEU B 280 4.27 -14.66 8.77
N THR B 281 4.90 -15.67 9.32
CA THR B 281 4.56 -16.11 10.67
C THR B 281 4.89 -14.97 11.62
N LYS B 282 6.16 -14.59 11.64
CA LYS B 282 6.65 -13.53 12.51
C LYS B 282 5.85 -12.24 12.38
N ILE B 283 5.67 -11.78 11.16
CA ILE B 283 4.95 -10.55 10.92
C ILE B 283 3.53 -10.69 11.44
N SER B 284 2.94 -11.88 11.35
CA SER B 284 1.57 -12.06 11.83
C SER B 284 1.53 -12.02 13.35
N ALA B 285 2.55 -12.58 13.98
CA ALA B 285 2.64 -12.60 15.43
C ALA B 285 2.62 -11.16 15.92
N LYS B 286 3.62 -10.39 15.50
CA LYS B 286 3.71 -9.00 15.90
C LYS B 286 2.43 -8.26 15.60
N GLU B 287 1.51 -8.89 14.88
CA GLU B 287 0.26 -8.24 14.52
C GLU B 287 -0.96 -8.80 15.21
N LYS B 288 -0.73 -9.74 16.14
CA LYS B 288 -1.83 -10.36 16.87
C LYS B 288 -2.72 -11.17 15.92
N PHE B 289 -2.09 -11.97 15.06
CA PHE B 289 -2.82 -12.80 14.09
C PHE B 289 -2.30 -14.24 14.09
N THR B 290 -3.08 -15.13 13.49
CA THR B 290 -2.70 -16.52 13.40
C THR B 290 -2.87 -16.98 11.95
N PRO B 291 -1.76 -17.06 11.20
CA PRO B 291 -1.80 -17.47 9.79
C PRO B 291 -2.58 -18.77 9.58
N PRO B 292 -3.06 -18.99 8.35
CA PRO B 292 -3.83 -20.21 8.03
C PRO B 292 -3.17 -21.46 8.58
N LYS B 293 -3.92 -22.55 8.65
CA LYS B 293 -3.42 -23.82 9.19
C LYS B 293 -2.21 -24.35 8.41
N GLU B 294 -2.26 -24.09 7.11
CA GLU B 294 -1.24 -24.48 6.13
C GLU B 294 0.08 -23.79 6.47
N VAL B 295 0.06 -22.45 6.45
CA VAL B 295 1.23 -21.64 6.79
C VAL B 295 1.77 -22.09 8.17
N THR B 296 0.90 -22.05 9.18
CA THR B 296 1.25 -22.44 10.53
C THR B 296 1.88 -23.84 10.56
N MET B 297 1.26 -24.78 9.86
CA MET B 297 1.79 -26.14 9.81
C MET B 297 3.18 -26.18 9.20
N TYR B 298 3.36 -25.51 8.07
CA TYR B 298 4.67 -25.47 7.41
C TYR B 298 5.70 -24.94 8.38
N TYR B 299 5.37 -23.84 9.05
CA TYR B 299 6.27 -23.22 10.01
C TYR B 299 6.78 -24.23 11.04
N GLU B 300 5.89 -24.63 11.95
CA GLU B 300 6.22 -25.58 13.01
C GLU B 300 7.05 -26.75 12.53
N ASN B 301 6.80 -27.19 11.30
CA ASN B 301 7.55 -28.32 10.72
C ASN B 301 8.94 -27.85 10.29
N TYR B 302 9.00 -26.68 9.65
CA TYR B 302 10.26 -26.12 9.19
C TYR B 302 11.19 -25.83 10.37
N VAL B 303 10.79 -24.91 11.24
CA VAL B 303 11.62 -24.57 12.39
C VAL B 303 11.65 -25.75 13.35
N ALA B 304 12.51 -26.70 13.03
CA ALA B 304 12.69 -27.92 13.81
C ALA B 304 13.79 -28.66 13.07
N ILE B 305 13.64 -28.74 11.76
CA ILE B 305 14.59 -29.38 10.89
C ILE B 305 15.39 -28.27 10.20
N GLU B 306 15.44 -27.12 10.86
CA GLU B 306 16.15 -25.96 10.32
C GLU B 306 16.92 -25.20 11.39
N ASN B 307 16.19 -24.49 12.25
CA ASN B 307 16.75 -23.69 13.33
C ASN B 307 17.39 -22.41 12.80
N ASN B 308 18.55 -22.56 12.14
CA ASN B 308 19.28 -21.43 11.57
C ASN B 308 19.63 -21.72 10.12
N PRO B 309 18.71 -21.38 9.19
CA PRO B 309 18.91 -21.61 7.75
C PRO B 309 19.90 -20.62 7.13
N ILE B 310 20.53 -21.04 6.04
CA ILE B 310 21.49 -20.18 5.34
C ILE B 310 20.74 -19.18 4.49
N PRO B 311 20.98 -17.88 4.70
CA PRO B 311 20.27 -16.88 3.89
C PRO B 311 20.63 -17.12 2.44
N GLU B 312 19.61 -17.36 1.61
CA GLU B 312 19.87 -17.63 0.20
C GLU B 312 20.91 -16.66 -0.35
N ILE B 313 21.93 -17.21 -1.01
CA ILE B 313 22.98 -16.39 -1.59
C ILE B 313 22.94 -16.44 -3.11
N LYS B 314 22.93 -15.26 -3.72
CA LYS B 314 22.93 -15.13 -5.18
C LYS B 314 24.39 -14.90 -5.64
N GLU B 315 24.78 -15.58 -6.72
CA GLU B 315 26.12 -15.43 -7.25
C GLU B 315 26.15 -15.34 -8.79
N MET C 1 -65.21 -31.27 14.26
CA MET C 1 -64.65 -30.18 13.41
C MET C 1 -63.60 -30.74 12.45
N PHE C 2 -63.01 -31.87 12.81
CA PHE C 2 -62.00 -32.52 11.99
C PHE C 2 -62.49 -33.90 11.56
N LYS C 3 -62.55 -34.12 10.25
CA LYS C 3 -63.02 -35.40 9.70
C LYS C 3 -62.01 -36.51 9.94
N ILE C 4 -61.74 -36.80 11.21
CA ILE C 4 -60.80 -37.85 11.58
C ILE C 4 -61.33 -39.21 11.18
N GLY C 5 -62.62 -39.44 11.45
CA GLY C 5 -63.23 -40.71 11.09
C GLY C 5 -63.05 -40.96 9.60
N SER C 6 -63.29 -39.92 8.80
CA SER C 6 -63.14 -40.01 7.35
C SER C 6 -61.77 -40.59 7.01
N VAL C 7 -60.73 -40.07 7.66
CA VAL C 7 -59.37 -40.51 7.43
C VAL C 7 -59.17 -41.96 7.84
N LEU C 8 -59.64 -42.34 9.03
CA LEU C 8 -59.50 -43.72 9.50
C LEU C 8 -60.01 -44.68 8.44
N LYS C 9 -61.21 -44.41 7.94
CA LYS C 9 -61.83 -45.25 6.92
C LYS C 9 -60.95 -45.30 5.68
N GLN C 10 -60.58 -44.12 5.18
CA GLN C 10 -59.74 -44.01 4.00
C GLN C 10 -58.48 -44.87 4.14
N ILE C 11 -57.78 -44.72 5.25
CA ILE C 11 -56.56 -45.49 5.50
C ILE C 11 -56.88 -46.98 5.64
N ARG C 12 -57.93 -47.26 6.41
CA ARG C 12 -58.35 -48.64 6.63
C ARG C 12 -58.65 -49.37 5.31
N GLN C 13 -59.48 -48.75 4.47
CA GLN C 13 -59.86 -49.35 3.20
C GLN C 13 -58.71 -49.45 2.21
N GLU C 14 -57.82 -48.46 2.21
CA GLU C 14 -56.68 -48.49 1.30
C GLU C 14 -55.75 -49.62 1.71
N LEU C 15 -55.60 -49.79 3.02
CA LEU C 15 -54.75 -50.83 3.57
C LEU C 15 -55.42 -52.19 3.54
N ASN C 16 -56.68 -52.20 3.09
CA ASN C 16 -57.47 -53.42 2.99
C ASN C 16 -57.88 -54.06 4.31
N TYR C 17 -57.84 -53.30 5.40
CA TYR C 17 -58.24 -53.83 6.71
C TYR C 17 -59.77 -53.76 6.82
N HIS C 18 -60.34 -54.66 7.63
CA HIS C 18 -61.77 -54.67 7.83
C HIS C 18 -62.10 -54.01 9.15
N GLN C 19 -63.27 -53.38 9.22
CA GLN C 19 -63.70 -52.68 10.44
C GLN C 19 -63.40 -53.49 11.69
N ILE C 20 -63.63 -54.79 11.63
CA ILE C 20 -63.39 -55.67 12.77
C ILE C 20 -61.94 -55.55 13.26
N ASP C 21 -61.02 -55.34 12.33
CA ASP C 21 -59.60 -55.22 12.67
C ASP C 21 -59.31 -53.99 13.51
N LEU C 22 -60.25 -53.05 13.54
CA LEU C 22 -60.09 -51.81 14.29
C LEU C 22 -60.85 -51.74 15.63
N TYR C 23 -62.18 -51.80 15.58
CA TYR C 23 -62.99 -51.71 16.79
C TYR C 23 -62.92 -52.93 17.70
N SER C 24 -62.58 -54.10 17.17
CA SER C 24 -62.50 -55.31 18.00
C SER C 24 -61.48 -55.14 19.14
N GLY C 25 -61.98 -55.12 20.37
CA GLY C 25 -61.12 -54.95 21.53
C GLY C 25 -61.16 -53.52 22.04
N ILE C 26 -61.48 -52.60 21.15
CA ILE C 26 -61.53 -51.18 21.50
C ILE C 26 -62.97 -50.72 21.76
N MET C 27 -63.83 -50.88 20.76
CA MET C 27 -65.24 -50.47 20.89
C MET C 27 -66.20 -51.37 20.14
N SER C 28 -67.48 -51.01 20.17
CA SER C 28 -68.53 -51.78 19.50
C SER C 28 -68.64 -51.42 18.03
N LYS C 29 -68.90 -52.43 17.19
CA LYS C 29 -69.00 -52.21 15.75
C LYS C 29 -70.00 -51.11 15.38
N SER C 30 -71.02 -50.94 16.20
CA SER C 30 -72.03 -49.92 15.95
C SER C 30 -71.47 -48.54 16.26
N VAL C 31 -70.82 -48.40 17.41
CA VAL C 31 -70.24 -47.13 17.82
C VAL C 31 -69.04 -46.74 16.93
N TYR C 32 -68.31 -47.75 16.46
CA TYR C 32 -67.16 -47.51 15.59
C TYR C 32 -67.65 -46.92 14.27
N ILE C 33 -68.73 -47.47 13.72
CA ILE C 33 -69.29 -46.97 12.47
C ILE C 33 -69.74 -45.53 12.71
N LYS C 34 -70.03 -45.21 13.96
CA LYS C 34 -70.46 -43.88 14.36
C LYS C 34 -69.23 -42.95 14.36
N VAL C 35 -68.08 -43.51 14.74
CA VAL C 35 -66.81 -42.77 14.76
C VAL C 35 -66.37 -42.52 13.32
N GLU C 36 -66.19 -43.60 12.58
CA GLU C 36 -65.75 -43.57 11.19
C GLU C 36 -66.71 -42.77 10.29
N ALA C 37 -67.82 -42.32 10.85
CA ALA C 37 -68.81 -41.56 10.09
C ALA C 37 -68.76 -40.08 10.44
N ASP C 38 -67.89 -39.74 11.40
CA ASP C 38 -67.73 -38.36 11.85
C ASP C 38 -69.00 -37.85 12.51
N SER C 39 -69.65 -38.72 13.27
CA SER C 39 -70.88 -38.37 13.98
C SER C 39 -70.60 -38.46 15.47
N ARG C 40 -69.70 -39.37 15.86
CA ARG C 40 -69.35 -39.54 17.26
C ARG C 40 -67.90 -39.12 17.48
N PRO C 41 -67.65 -38.35 18.56
CA PRO C 41 -66.29 -37.90 18.88
C PRO C 41 -65.36 -39.07 19.15
N ILE C 42 -64.07 -38.86 18.93
CA ILE C 42 -63.07 -39.89 19.16
C ILE C 42 -62.00 -39.33 20.09
N SER C 43 -61.66 -40.08 21.13
CA SER C 43 -60.65 -39.65 22.10
C SER C 43 -59.28 -39.91 21.51
N VAL C 44 -58.30 -39.15 22.00
CA VAL C 44 -56.94 -39.32 21.51
C VAL C 44 -56.50 -40.75 21.83
N GLU C 45 -56.99 -41.29 22.93
CA GLU C 45 -56.65 -42.65 23.32
C GLU C 45 -57.14 -43.63 22.25
N GLU C 46 -58.42 -43.51 21.89
CA GLU C 46 -59.00 -44.37 20.87
C GLU C 46 -58.18 -44.24 19.58
N LEU C 47 -58.02 -43.01 19.12
CA LEU C 47 -57.25 -42.73 17.90
C LEU C 47 -55.83 -43.32 17.99
N SER C 48 -55.25 -43.27 19.20
CA SER C 48 -53.92 -43.79 19.44
C SER C 48 -53.86 -45.28 19.09
N LYS C 49 -54.90 -46.01 19.51
CA LYS C 49 -54.99 -47.44 19.24
C LYS C 49 -55.28 -47.75 17.78
N PHE C 50 -56.18 -46.99 17.16
CA PHE C 50 -56.49 -47.19 15.75
C PHE C 50 -55.24 -46.92 14.93
N SER C 51 -54.47 -45.94 15.37
CA SER C 51 -53.23 -45.58 14.70
C SER C 51 -52.29 -46.78 14.73
N GLU C 52 -52.21 -47.44 15.88
CA GLU C 52 -51.34 -48.59 16.03
C GLU C 52 -51.81 -49.78 15.18
N ARG C 53 -53.12 -49.93 15.07
CA ARG C 53 -53.67 -51.03 14.27
C ARG C 53 -53.45 -50.80 12.77
N LEU C 54 -53.63 -49.56 12.33
CA LEU C 54 -53.45 -49.22 10.93
C LEU C 54 -51.98 -49.30 10.49
N GLY C 55 -51.06 -48.98 11.41
CA GLY C 55 -49.64 -48.99 11.09
C GLY C 55 -49.20 -47.66 10.51
N VAL C 56 -50.06 -46.64 10.64
CA VAL C 56 -49.78 -45.30 10.13
C VAL C 56 -49.57 -44.35 11.30
N ASN C 57 -48.63 -43.43 11.16
CA ASN C 57 -48.31 -42.47 12.22
C ASN C 57 -49.52 -41.71 12.77
N PHE C 58 -49.57 -41.62 14.10
CA PHE C 58 -50.65 -40.94 14.82
C PHE C 58 -50.79 -39.51 14.31
N PHE C 59 -49.70 -38.77 14.39
CA PHE C 59 -49.67 -37.38 13.97
C PHE C 59 -49.98 -37.21 12.49
N GLU C 60 -49.60 -38.19 11.68
CA GLU C 60 -49.86 -38.08 10.25
C GLU C 60 -51.37 -38.16 10.03
N ILE C 61 -52.01 -39.06 10.79
CA ILE C 61 -53.45 -39.22 10.69
C ILE C 61 -54.09 -37.87 11.02
N LEU C 62 -53.70 -37.28 12.15
CA LEU C 62 -54.23 -35.98 12.55
C LEU C 62 -54.04 -34.96 11.43
N ASN C 63 -52.83 -34.88 10.91
CA ASN C 63 -52.53 -33.95 9.82
C ASN C 63 -53.46 -34.20 8.65
N ARG C 64 -53.55 -35.45 8.21
CA ARG C 64 -54.42 -35.79 7.09
C ARG C 64 -55.85 -35.40 7.38
N ALA C 65 -56.21 -35.39 8.66
CA ALA C 65 -57.56 -35.05 9.09
C ALA C 65 -57.86 -33.56 8.92
N GLY C 66 -56.83 -32.78 8.67
CA GLY C 66 -57.03 -31.36 8.49
C GLY C 66 -56.28 -30.49 9.48
N MET C 67 -55.62 -31.11 10.45
CA MET C 67 -54.84 -30.37 11.43
C MET C 67 -53.42 -30.17 10.92
N ASN C 68 -53.24 -30.39 9.62
CA ASN C 68 -51.94 -30.25 8.95
C ASN C 68 -51.80 -28.83 8.41
N THR C 69 -52.54 -27.90 9.01
CA THR C 69 -52.51 -26.51 8.59
C THR C 69 -52.95 -25.58 9.73
N LYS C 70 -52.05 -24.69 10.14
CA LYS C 70 -52.36 -23.75 11.20
C LYS C 70 -53.28 -22.66 10.69
N SER C 71 -54.41 -23.10 10.15
CA SER C 71 -55.44 -22.22 9.61
C SER C 71 -56.77 -22.79 10.11
N VAL C 72 -56.67 -23.68 11.09
CA VAL C 72 -57.83 -24.33 11.68
C VAL C 72 -58.59 -23.39 12.63
N ASN C 73 -57.85 -22.51 13.31
CA ASN C 73 -58.45 -21.57 14.24
C ASN C 73 -58.06 -20.13 13.97
N GLU C 74 -58.72 -19.21 14.68
CA GLU C 74 -58.49 -17.78 14.55
C GLU C 74 -57.01 -17.39 14.43
N THR C 75 -56.27 -17.50 15.53
CA THR C 75 -54.85 -17.15 15.57
C THR C 75 -54.09 -17.64 14.34
N GLY C 76 -54.47 -18.81 13.83
CA GLY C 76 -53.79 -19.33 12.66
C GLY C 76 -53.86 -18.37 11.49
N LYS C 77 -55.07 -17.94 11.14
CA LYS C 77 -55.29 -17.01 10.05
C LYS C 77 -54.51 -15.71 10.24
N GLU C 78 -54.51 -15.20 11.47
CA GLU C 78 -53.82 -13.96 11.81
C GLU C 78 -52.31 -13.99 11.57
N LYS C 79 -51.68 -15.13 11.85
CA LYS C 79 -50.24 -15.27 11.65
C LYS C 79 -49.89 -15.35 10.17
N LEU C 80 -50.76 -15.98 9.39
CA LEU C 80 -50.54 -16.10 7.95
C LEU C 80 -50.68 -14.73 7.32
N LEU C 81 -51.52 -13.89 7.93
CA LEU C 81 -51.78 -12.53 7.46
C LEU C 81 -50.57 -11.62 7.66
N ILE C 82 -49.76 -11.91 8.68
CA ILE C 82 -48.56 -11.12 8.96
C ILE C 82 -47.70 -11.00 7.71
N SER C 83 -47.50 -12.11 7.01
CA SER C 83 -46.70 -12.14 5.79
C SER C 83 -47.31 -11.19 4.75
N LYS C 84 -48.63 -11.25 4.65
CA LYS C 84 -49.39 -10.42 3.73
C LYS C 84 -49.20 -8.93 4.05
N ILE C 85 -49.42 -8.57 5.30
CA ILE C 85 -49.28 -7.19 5.75
C ILE C 85 -47.82 -6.72 5.65
N PHE C 86 -46.90 -7.68 5.55
CA PHE C 86 -45.48 -7.36 5.46
C PHE C 86 -45.03 -6.96 4.07
N THR C 87 -45.77 -7.41 3.05
CA THR C 87 -45.46 -7.08 1.67
C THR C 87 -46.50 -6.09 1.14
N ASN C 88 -47.51 -5.85 1.97
CA ASN C 88 -48.60 -4.92 1.65
C ASN C 88 -48.80 -4.03 2.88
N PRO C 89 -47.78 -3.24 3.24
CA PRO C 89 -47.83 -2.35 4.40
C PRO C 89 -48.99 -1.35 4.41
N ASP C 90 -49.85 -1.37 3.39
CA ASP C 90 -51.01 -0.47 3.34
C ASP C 90 -52.14 -1.05 4.18
N LEU C 91 -52.14 -2.36 4.30
CA LEU C 91 -53.16 -3.06 5.07
C LEU C 91 -52.81 -3.08 6.56
N PHE C 92 -51.72 -2.39 6.91
CA PHE C 92 -51.27 -2.34 8.31
C PHE C 92 -52.31 -1.77 9.25
N ASP C 93 -52.59 -0.48 9.10
CA ASP C 93 -53.56 0.22 9.94
C ASP C 93 -54.81 -0.55 10.36
N LYS C 94 -55.78 -0.69 9.46
CA LYS C 94 -57.02 -1.39 9.80
C LYS C 94 -56.83 -2.72 10.54
N ASN C 95 -55.80 -3.47 10.16
CA ASN C 95 -55.51 -4.75 10.80
C ASN C 95 -54.89 -4.59 12.18
N PHE C 96 -53.90 -3.70 12.29
CA PHE C 96 -53.23 -3.45 13.57
C PHE C 96 -54.23 -2.92 14.61
N GLN C 97 -55.27 -2.21 14.14
CA GLN C 97 -56.29 -1.66 15.02
C GLN C 97 -57.08 -2.79 15.69
N ARG C 98 -57.12 -3.94 15.02
CA ARG C 98 -57.86 -5.09 15.54
C ARG C 98 -57.03 -6.01 16.44
N ILE C 99 -55.73 -6.09 16.17
CA ILE C 99 -54.85 -6.95 16.96
C ILE C 99 -54.39 -6.26 18.24
N GLU C 100 -53.93 -5.03 18.12
CA GLU C 100 -53.43 -4.26 19.26
C GLU C 100 -54.26 -4.44 20.53
N PRO C 101 -55.60 -4.30 20.44
CA PRO C 101 -56.45 -4.46 21.62
C PRO C 101 -56.47 -5.86 22.24
N LYS C 102 -56.18 -6.89 21.45
CA LYS C 102 -56.20 -8.27 21.96
C LYS C 102 -54.82 -8.83 22.25
N ARG C 103 -53.80 -7.97 22.27
CA ARG C 103 -52.44 -8.43 22.47
C ARG C 103 -52.16 -9.19 23.77
N LEU C 104 -53.00 -9.01 24.78
CA LEU C 104 -52.81 -9.71 26.04
C LEU C 104 -53.86 -10.78 26.29
N THR C 105 -54.64 -11.06 25.25
CA THR C 105 -55.71 -12.06 25.31
C THR C 105 -55.15 -13.47 25.50
N SER C 106 -53.94 -13.69 24.98
CA SER C 106 -53.27 -14.98 25.08
C SER C 106 -51.89 -14.83 24.45
N LEU C 107 -50.95 -15.67 24.88
CA LEU C 107 -49.60 -15.60 24.34
C LEU C 107 -49.63 -15.60 22.81
N GLN C 108 -50.61 -16.29 22.23
CA GLN C 108 -50.75 -16.37 20.78
C GLN C 108 -50.91 -14.99 20.18
N TYR C 109 -51.91 -14.25 20.65
CA TYR C 109 -52.18 -12.92 20.15
C TYR C 109 -51.04 -11.92 20.42
N PHE C 110 -50.29 -12.14 21.49
CA PHE C 110 -49.19 -11.25 21.81
C PHE C 110 -48.08 -11.45 20.80
N SER C 111 -47.87 -12.71 20.41
CA SER C 111 -46.85 -13.02 19.42
C SER C 111 -47.26 -12.33 18.11
N ILE C 112 -48.55 -12.40 17.80
CA ILE C 112 -49.09 -11.78 16.61
C ILE C 112 -48.92 -10.27 16.72
N TYR C 113 -49.12 -9.75 17.93
CA TYR C 113 -48.96 -8.31 18.19
C TYR C 113 -47.53 -7.87 17.88
N LEU C 114 -46.56 -8.53 18.49
CA LEU C 114 -45.16 -8.19 18.25
C LEU C 114 -44.88 -8.33 16.76
N GLY C 115 -45.61 -9.24 16.11
CA GLY C 115 -45.44 -9.45 14.68
C GLY C 115 -45.69 -8.15 13.93
N TYR C 116 -46.82 -7.50 14.23
CA TYR C 116 -47.15 -6.24 13.58
C TYR C 116 -46.14 -5.16 13.93
N ILE C 117 -45.77 -5.09 15.20
CA ILE C 117 -44.80 -4.10 15.66
C ILE C 117 -43.53 -4.17 14.82
N SER C 118 -43.15 -5.38 14.39
CA SER C 118 -41.96 -5.57 13.57
C SER C 118 -42.15 -4.91 12.22
N ILE C 119 -43.28 -5.22 11.57
CA ILE C 119 -43.62 -4.65 10.27
C ILE C 119 -43.54 -3.12 10.35
N ALA C 120 -44.05 -2.58 11.45
CA ALA C 120 -44.06 -1.13 11.66
C ALA C 120 -42.66 -0.53 11.65
N HIS C 121 -41.79 -1.01 12.54
CA HIS C 121 -40.43 -0.50 12.59
C HIS C 121 -39.74 -0.58 11.23
N HIS C 122 -39.94 -1.71 10.54
CA HIS C 122 -39.34 -1.92 9.23
C HIS C 122 -39.74 -0.82 8.27
N TYR C 123 -41.06 -0.59 8.14
CA TYR C 123 -41.58 0.44 7.25
C TYR C 123 -41.66 1.80 7.93
N ASN C 124 -40.85 1.98 8.96
CA ASN C 124 -40.82 3.22 9.71
C ASN C 124 -42.22 3.76 10.00
N ILE C 125 -43.09 2.87 10.47
CA ILE C 125 -44.47 3.25 10.79
C ILE C 125 -44.53 3.56 12.29
N GLU C 126 -45.25 4.61 12.64
CA GLU C 126 -45.38 5.03 14.03
C GLU C 126 -46.29 4.13 14.88
N VAL C 127 -45.72 3.60 15.96
CA VAL C 127 -46.42 2.74 16.89
C VAL C 127 -46.12 3.20 18.31
N PRO C 128 -46.72 4.34 18.72
CA PRO C 128 -46.57 4.96 20.04
C PRO C 128 -47.06 4.14 21.23
N THR C 129 -48.13 3.38 21.02
CA THR C 129 -48.71 2.54 22.06
C THR C 129 -47.74 1.45 22.51
N PHE C 130 -46.81 1.12 21.62
CA PHE C 130 -45.81 0.10 21.91
C PHE C 130 -44.83 0.58 22.99
N ASN C 131 -43.96 1.51 22.59
CA ASN C 131 -42.96 2.07 23.49
C ASN C 131 -43.55 2.53 24.82
N LYS C 132 -44.86 2.81 24.83
CA LYS C 132 -45.52 3.26 26.04
C LYS C 132 -46.04 2.14 26.94
N THR C 133 -46.36 0.99 26.37
CA THR C 133 -46.90 -0.10 27.18
C THR C 133 -46.19 -1.46 27.19
N ILE C 134 -45.19 -1.65 26.34
CA ILE C 134 -44.53 -2.94 26.31
C ILE C 134 -43.93 -3.39 27.65
N THR C 135 -43.17 -2.52 28.32
CA THR C 135 -42.56 -2.90 29.61
C THR C 135 -43.63 -3.40 30.58
N SER C 136 -44.78 -2.74 30.51
CA SER C 136 -45.91 -3.10 31.35
C SER C 136 -46.40 -4.48 30.93
N ASP C 137 -46.66 -4.65 29.63
CA ASP C 137 -47.15 -5.91 29.09
C ASP C 137 -46.28 -7.10 29.51
N LEU C 138 -44.97 -6.97 29.29
CA LEU C 138 -44.03 -8.02 29.65
C LEU C 138 -44.12 -8.33 31.14
N LYS C 139 -44.17 -7.28 31.95
CA LYS C 139 -44.28 -7.46 33.39
C LYS C 139 -45.49 -8.36 33.65
N HIS C 140 -46.59 -8.02 33.01
CA HIS C 140 -47.85 -8.76 33.14
C HIS C 140 -47.79 -10.21 32.68
N LEU C 141 -47.15 -10.46 31.54
CA LEU C 141 -47.04 -11.80 31.00
C LEU C 141 -45.97 -12.65 31.69
N TYR C 142 -44.80 -12.06 31.89
CA TYR C 142 -43.71 -12.79 32.51
C TYR C 142 -43.37 -12.22 33.88
N ASP C 143 -44.11 -12.69 34.89
CA ASP C 143 -43.88 -12.23 36.25
C ASP C 143 -43.98 -13.41 37.22
N LYS C 144 -45.03 -14.19 37.05
CA LYS C 144 -45.26 -15.36 37.90
C LYS C 144 -44.99 -16.61 37.07
N ARG C 145 -44.06 -16.51 36.13
CA ARG C 145 -43.72 -17.63 35.25
C ARG C 145 -42.55 -18.48 35.74
N THR C 146 -42.72 -19.80 35.63
CA THR C 146 -41.69 -20.75 36.05
C THR C 146 -41.27 -21.66 34.89
N THR C 147 -42.23 -22.03 34.03
CA THR C 147 -41.94 -22.87 32.87
C THR C 147 -42.39 -22.15 31.60
N PHE C 148 -41.76 -22.47 30.47
CA PHE C 148 -42.10 -21.81 29.21
C PHE C 148 -42.46 -22.76 28.10
N PHE C 149 -43.47 -22.39 27.33
CA PHE C 149 -43.96 -23.21 26.23
C PHE C 149 -43.45 -22.68 24.91
N GLY C 150 -43.80 -23.38 23.84
CA GLY C 150 -43.36 -22.98 22.53
C GLY C 150 -43.63 -21.53 22.19
N ILE C 151 -44.87 -21.10 22.38
CA ILE C 151 -45.24 -19.72 22.05
C ILE C 151 -44.42 -18.71 22.84
N ASP C 152 -43.94 -19.11 24.02
CA ASP C 152 -43.12 -18.25 24.86
C ASP C 152 -41.83 -17.89 24.13
N TYR C 153 -41.17 -18.90 23.59
CA TYR C 153 -39.94 -18.69 22.85
C TYR C 153 -40.20 -17.92 21.57
N GLU C 154 -41.38 -18.14 20.99
CA GLU C 154 -41.75 -17.43 19.77
C GLU C 154 -41.84 -15.95 20.10
N ILE C 155 -42.54 -15.63 21.18
CA ILE C 155 -42.70 -14.25 21.62
C ILE C 155 -41.35 -13.56 21.80
N VAL C 156 -40.47 -14.18 22.59
CA VAL C 156 -39.14 -13.62 22.85
C VAL C 156 -38.30 -13.46 21.58
N SER C 157 -38.51 -14.34 20.61
CA SER C 157 -37.77 -14.26 19.35
C SER C 157 -38.11 -12.99 18.60
N ASN C 158 -39.39 -12.68 18.52
CA ASN C 158 -39.86 -11.47 17.83
C ASN C 158 -39.53 -10.24 18.66
N LEU C 159 -39.48 -10.44 19.97
CA LEU C 159 -39.18 -9.37 20.92
C LEU C 159 -37.75 -8.87 20.76
N LEU C 160 -36.83 -9.79 20.49
CA LEU C 160 -35.43 -9.43 20.29
C LEU C 160 -35.24 -8.57 19.05
N ASN C 161 -36.26 -8.53 18.20
CA ASN C 161 -36.21 -7.77 16.97
C ASN C 161 -36.80 -6.36 17.06
N VAL C 162 -37.57 -6.08 18.11
CA VAL C 162 -38.18 -4.76 18.24
C VAL C 162 -37.94 -4.11 19.60
N LEU C 163 -36.95 -4.61 20.32
CA LEU C 163 -36.64 -4.10 21.64
C LEU C 163 -35.13 -4.20 21.86
N PRO C 164 -34.52 -3.14 22.40
CA PRO C 164 -33.06 -3.21 22.62
C PRO C 164 -32.71 -4.43 23.46
N TYR C 165 -31.73 -5.19 22.99
CA TYR C 165 -31.31 -6.41 23.65
C TYR C 165 -31.30 -6.34 25.18
N GLU C 166 -30.83 -5.24 25.73
CA GLU C 166 -30.74 -5.11 27.18
C GLU C 166 -32.06 -5.28 27.91
N GLU C 167 -33.17 -4.92 27.25
CA GLU C 167 -34.48 -5.06 27.87
C GLU C 167 -34.97 -6.49 27.82
N VAL C 168 -34.59 -7.21 26.76
CA VAL C 168 -35.00 -8.59 26.59
C VAL C 168 -34.11 -9.58 27.35
N SER C 169 -32.86 -9.19 27.58
CA SER C 169 -31.88 -10.03 28.26
C SER C 169 -32.41 -10.80 29.48
N SER C 170 -32.82 -10.07 30.50
CA SER C 170 -33.34 -10.69 31.73
C SER C 170 -34.50 -11.67 31.53
N ILE C 171 -35.29 -11.49 30.48
CA ILE C 171 -36.44 -12.37 30.20
C ILE C 171 -36.00 -13.72 29.64
N ILE C 172 -34.90 -13.70 28.88
CA ILE C 172 -34.37 -14.91 28.25
C ILE C 172 -33.68 -15.88 29.20
N LYS C 173 -32.72 -15.37 29.97
CA LYS C 173 -31.94 -16.20 30.88
C LYS C 173 -32.69 -17.30 31.64
N PRO C 174 -33.87 -16.98 32.19
CA PRO C 174 -34.58 -18.03 32.92
C PRO C 174 -35.24 -19.06 32.00
N MET C 175 -35.07 -18.91 30.69
CA MET C 175 -35.66 -19.84 29.73
C MET C 175 -34.69 -20.90 29.22
N TYR C 176 -33.45 -20.83 29.68
CA TYR C 176 -32.40 -21.78 29.29
C TYR C 176 -31.60 -22.14 30.55
N PRO C 177 -30.91 -23.29 30.52
CA PRO C 177 -30.81 -24.23 29.39
C PRO C 177 -32.07 -25.05 29.21
N ILE C 178 -32.24 -25.60 28.02
CA ILE C 178 -33.39 -26.44 27.70
C ILE C 178 -33.03 -27.87 28.09
N VAL C 179 -34.01 -28.63 28.56
CA VAL C 179 -33.74 -30.01 28.98
C VAL C 179 -34.53 -31.07 28.21
N ASP C 180 -35.58 -30.65 27.50
CA ASP C 180 -36.35 -31.64 26.75
C ASP C 180 -36.99 -31.10 25.49
N SER C 181 -37.39 -32.02 24.62
CA SER C 181 -38.03 -31.66 23.37
C SER C 181 -39.53 -31.89 23.53
N PHE C 182 -40.33 -31.01 22.94
CA PHE C 182 -41.78 -31.10 23.03
C PHE C 182 -42.43 -30.87 21.66
N GLY C 183 -41.74 -31.30 20.61
CA GLY C 183 -42.29 -31.15 19.28
C GLY C 183 -41.41 -30.35 18.34
N LYS C 184 -41.60 -30.57 17.04
CA LYS C 184 -40.82 -29.88 16.03
C LYS C 184 -40.99 -28.38 16.16
N ASP C 185 -42.22 -27.95 16.46
CA ASP C 185 -42.53 -26.53 16.62
C ASP C 185 -41.76 -25.97 17.81
N TYR C 186 -41.79 -26.70 18.91
CA TYR C 186 -41.08 -26.28 20.11
C TYR C 186 -39.58 -26.26 19.86
N ASP C 187 -39.06 -27.30 19.22
CA ASP C 187 -37.62 -27.37 18.94
C ASP C 187 -37.19 -26.23 18.04
N LEU C 188 -38.10 -25.78 17.17
CA LEU C 188 -37.80 -24.71 16.23
C LEU C 188 -37.76 -23.33 16.88
N THR C 189 -38.75 -23.02 17.72
CA THR C 189 -38.77 -21.71 18.37
C THR C 189 -37.66 -21.56 19.41
N ILE C 190 -37.26 -22.67 20.04
CA ILE C 190 -36.22 -22.60 21.06
C ILE C 190 -34.89 -22.29 20.41
N GLN C 191 -34.77 -22.59 19.13
CA GLN C 191 -33.54 -22.35 18.39
C GLN C 191 -33.54 -20.93 17.82
N THR C 192 -34.71 -20.42 17.49
CA THR C 192 -34.81 -19.08 16.94
C THR C 192 -34.35 -18.04 17.97
N VAL C 193 -34.76 -18.21 19.23
CA VAL C 193 -34.37 -17.28 20.27
C VAL C 193 -32.84 -17.24 20.33
N LEU C 194 -32.24 -18.43 20.35
CA LEU C 194 -30.78 -18.54 20.41
C LEU C 194 -30.11 -17.91 19.21
N LYS C 195 -30.64 -18.18 18.02
CA LYS C 195 -30.09 -17.66 16.78
C LYS C 195 -30.20 -16.14 16.66
N ASN C 196 -31.33 -15.57 17.09
CA ASN C 196 -31.50 -14.12 17.02
C ASN C 196 -30.69 -13.44 18.11
N ALA C 197 -30.61 -14.07 19.28
CA ALA C 197 -29.85 -13.50 20.39
C ALA C 197 -28.34 -13.57 20.12
N LEU C 198 -27.92 -14.66 19.47
CA LEU C 198 -26.50 -14.81 19.15
C LEU C 198 -26.10 -13.76 18.12
N THR C 199 -27.00 -13.47 17.19
CA THR C 199 -26.74 -12.47 16.16
C THR C 199 -26.60 -11.09 16.81
N ILE C 200 -27.52 -10.75 17.70
CA ILE C 200 -27.49 -9.46 18.38
C ILE C 200 -26.21 -9.32 19.19
N SER C 201 -25.83 -10.36 19.91
CA SER C 201 -24.60 -10.33 20.73
C SER C 201 -23.38 -9.99 19.88
N ILE C 202 -23.20 -10.78 18.82
CA ILE C 202 -22.07 -10.58 17.92
C ILE C 202 -22.07 -9.19 17.29
N MET C 203 -23.24 -8.72 16.89
CA MET C 203 -23.33 -7.40 16.28
C MET C 203 -22.93 -6.31 17.29
N ASN C 204 -23.06 -6.62 18.58
CA ASN C 204 -22.74 -5.68 19.63
C ASN C 204 -21.39 -6.01 20.23
N ARG C 205 -20.71 -6.95 19.60
CA ARG C 205 -19.40 -7.37 20.08
C ARG C 205 -19.46 -7.84 21.54
N ASN C 206 -20.66 -8.04 22.05
CA ASN C 206 -20.85 -8.51 23.41
C ASN C 206 -20.50 -10.00 23.34
N LEU C 207 -19.22 -10.31 23.42
CA LEU C 207 -18.77 -11.70 23.32
C LEU C 207 -19.12 -12.62 24.49
N LYS C 208 -19.23 -12.07 25.68
CA LYS C 208 -19.55 -12.91 26.84
C LYS C 208 -20.93 -13.55 26.65
N GLU C 209 -21.84 -12.79 26.05
CA GLU C 209 -23.19 -13.28 25.78
C GLU C 209 -23.17 -14.23 24.59
N ALA C 210 -22.57 -13.78 23.50
CA ALA C 210 -22.46 -14.60 22.29
C ALA C 210 -21.97 -15.98 22.66
N GLN C 211 -20.95 -16.03 23.52
CA GLN C 211 -20.40 -17.30 23.97
C GLN C 211 -21.50 -18.14 24.62
N TYR C 212 -22.31 -17.49 25.46
CA TYR C 212 -23.39 -18.16 26.18
C TYR C 212 -24.38 -18.79 25.23
N TYR C 213 -24.88 -18.02 24.28
CA TYR C 213 -25.86 -18.53 23.31
C TYR C 213 -25.31 -19.68 22.48
N ILE C 214 -24.02 -19.61 22.15
CA ILE C 214 -23.40 -20.66 21.37
C ILE C 214 -23.44 -21.96 22.19
N ASN C 215 -23.03 -21.87 23.45
CA ASN C 215 -23.06 -23.03 24.33
C ASN C 215 -24.47 -23.59 24.45
N GLN C 216 -25.44 -22.68 24.59
CA GLN C 216 -26.82 -23.09 24.72
C GLN C 216 -27.27 -23.86 23.50
N PHE C 217 -26.90 -23.39 22.31
CA PHE C 217 -27.27 -24.07 21.09
C PHE C 217 -26.58 -25.42 21.02
N GLU C 218 -25.28 -25.40 21.27
CA GLU C 218 -24.50 -26.62 21.25
C GLU C 218 -25.09 -27.66 22.17
N HIS C 219 -25.65 -27.20 23.29
CA HIS C 219 -26.27 -28.10 24.25
C HIS C 219 -27.49 -28.80 23.66
N LEU C 220 -28.26 -28.08 22.84
CA LEU C 220 -29.45 -28.64 22.21
C LEU C 220 -29.17 -29.92 21.45
N LYS C 221 -28.01 -29.99 20.83
CA LYS C 221 -27.65 -31.17 20.06
C LYS C 221 -27.51 -32.39 20.98
N THR C 222 -27.37 -32.13 22.27
CA THR C 222 -27.24 -33.19 23.27
C THR C 222 -28.58 -33.84 23.58
N ILE C 223 -29.63 -33.02 23.61
CA ILE C 223 -30.97 -33.48 23.91
C ILE C 223 -31.53 -34.48 22.90
N LYS C 224 -32.05 -35.58 23.43
CA LYS C 224 -32.62 -36.65 22.63
C LYS C 224 -33.95 -36.26 21.97
N ASN C 225 -34.11 -36.64 20.71
CA ASN C 225 -35.31 -36.38 19.93
C ASN C 225 -35.54 -34.91 19.59
N ILE C 226 -34.51 -34.10 19.72
CA ILE C 226 -34.62 -32.68 19.40
C ILE C 226 -34.24 -32.49 17.94
N SER C 227 -35.12 -31.88 17.17
CA SER C 227 -34.87 -31.67 15.76
C SER C 227 -34.10 -30.38 15.52
N ILE C 228 -32.79 -30.49 15.30
CA ILE C 228 -31.98 -29.31 15.05
C ILE C 228 -32.16 -28.86 13.62
N ASN C 229 -32.64 -27.64 13.46
CA ASN C 229 -32.88 -27.07 12.13
C ASN C 229 -31.59 -26.89 11.34
N GLY C 230 -31.57 -27.46 10.14
CA GLY C 230 -30.39 -27.36 9.29
C GLY C 230 -29.87 -25.95 9.12
N CYS C 231 -30.63 -25.12 8.42
CA CYS C 231 -30.25 -23.73 8.20
C CYS C 231 -29.72 -23.06 9.44
N TYR C 232 -30.50 -23.03 10.51
CA TYR C 232 -30.04 -22.40 11.73
C TYR C 232 -28.67 -22.94 12.14
N ASP C 233 -28.51 -24.25 12.12
CA ASP C 233 -27.26 -24.87 12.51
C ASP C 233 -26.11 -24.40 11.64
N LEU C 234 -26.43 -24.01 10.42
CA LEU C 234 -25.41 -23.53 9.50
C LEU C 234 -25.11 -22.05 9.74
N GLU C 235 -26.17 -21.27 9.91
CA GLU C 235 -26.05 -19.85 10.17
C GLU C 235 -25.42 -19.61 11.54
N ILE C 236 -25.83 -20.40 12.53
CA ILE C 236 -25.28 -20.26 13.88
C ILE C 236 -23.83 -20.67 13.87
N ASN C 237 -23.51 -21.67 13.08
CA ASN C 237 -22.14 -22.15 12.97
C ASN C 237 -21.25 -21.08 12.34
N TYR C 238 -21.84 -20.30 11.44
CA TYR C 238 -21.13 -19.21 10.78
C TYR C 238 -20.84 -18.16 11.84
N LEU C 239 -21.85 -17.84 12.65
CA LEU C 239 -21.70 -16.86 13.72
C LEU C 239 -20.64 -17.36 14.70
N LYS C 240 -20.50 -18.67 14.83
CA LYS C 240 -19.49 -19.24 15.71
C LYS C 240 -18.13 -18.84 15.19
N GLN C 241 -17.96 -18.95 13.87
CA GLN C 241 -16.71 -18.60 13.21
C GLN C 241 -16.34 -17.14 13.49
N ILE C 242 -17.22 -16.23 13.10
CA ILE C 242 -16.99 -14.81 13.33
C ILE C 242 -16.71 -14.57 14.82
N TYR C 243 -17.30 -15.40 15.67
CA TYR C 243 -17.07 -15.24 17.10
C TYR C 243 -15.60 -15.50 17.39
N GLN C 244 -15.09 -16.61 16.87
CA GLN C 244 -13.70 -16.97 17.09
C GLN C 244 -12.76 -15.95 16.50
N PHE C 245 -13.21 -15.28 15.44
CA PHE C 245 -12.40 -14.26 14.78
C PHE C 245 -12.28 -13.02 15.67
N LEU C 246 -13.41 -12.59 16.25
CA LEU C 246 -13.40 -11.42 17.12
C LEU C 246 -12.61 -11.72 18.39
N THR C 247 -12.58 -12.99 18.78
CA THR C 247 -11.85 -13.40 19.98
C THR C 247 -10.35 -13.44 19.79
N ASP C 248 -9.88 -14.33 18.93
CA ASP C 248 -8.44 -14.49 18.70
C ASP C 248 -7.91 -13.98 17.37
N LYS C 249 -8.66 -13.07 16.74
CA LYS C 249 -8.25 -12.50 15.47
C LYS C 249 -7.66 -13.54 14.53
N ASN C 250 -8.13 -14.78 14.65
CA ASN C 250 -7.66 -15.88 13.81
C ASN C 250 -8.23 -15.72 12.40
N ILE C 251 -7.37 -15.82 11.39
CA ILE C 251 -7.81 -15.65 10.00
C ILE C 251 -8.57 -16.85 9.45
N ASP C 252 -8.16 -18.05 9.85
CA ASP C 252 -8.83 -19.26 9.37
C ASP C 252 -10.32 -19.13 9.61
N SER C 253 -10.68 -18.78 10.84
CA SER C 253 -12.06 -18.63 11.23
C SER C 253 -12.81 -17.64 10.32
N TYR C 254 -12.14 -16.55 9.99
CA TYR C 254 -12.76 -15.55 9.14
C TYR C 254 -13.04 -16.17 7.79
N LEU C 255 -12.08 -16.93 7.28
CA LEU C 255 -12.25 -17.56 6.00
C LEU C 255 -13.43 -18.49 6.02
N ASN C 256 -13.47 -19.36 7.02
CA ASN C 256 -14.57 -20.31 7.16
C ASN C 256 -15.92 -19.59 7.14
N ALA C 257 -16.00 -18.50 7.89
CA ALA C 257 -17.24 -17.73 7.93
C ALA C 257 -17.62 -17.31 6.51
N VAL C 258 -16.64 -16.83 5.76
CA VAL C 258 -16.87 -16.37 4.39
C VAL C 258 -17.25 -17.55 3.53
N ASN C 259 -16.61 -18.67 3.78
CA ASN C 259 -16.86 -19.89 3.03
C ASN C 259 -18.29 -20.36 3.24
N ILE C 260 -18.75 -20.31 4.48
CA ILE C 260 -20.13 -20.69 4.82
C ILE C 260 -21.08 -19.80 4.00
N ILE C 261 -20.90 -18.49 4.10
CA ILE C 261 -21.72 -17.54 3.36
C ILE C 261 -21.77 -17.95 1.90
N ASN C 262 -20.66 -18.47 1.39
CA ASN C 262 -20.61 -18.90 0.00
C ASN C 262 -21.58 -20.05 -0.24
N ILE C 263 -21.52 -21.07 0.62
CA ILE C 263 -22.38 -22.23 0.49
C ILE C 263 -23.85 -21.86 0.34
N PHE C 264 -24.29 -20.85 1.08
CA PHE C 264 -25.68 -20.42 1.00
C PHE C 264 -26.03 -19.96 -0.40
N LYS C 265 -25.04 -19.45 -1.12
CA LYS C 265 -25.28 -19.00 -2.48
C LYS C 265 -25.35 -20.22 -3.40
N ILE C 266 -24.43 -21.15 -3.17
CA ILE C 266 -24.32 -22.38 -3.95
C ILE C 266 -25.59 -23.23 -3.87
N ILE C 267 -26.19 -23.31 -2.69
CA ILE C 267 -27.40 -24.12 -2.52
C ILE C 267 -28.71 -23.39 -2.83
N GLY C 268 -28.63 -22.11 -3.19
CA GLY C 268 -29.83 -21.37 -3.53
C GLY C 268 -30.50 -20.49 -2.48
N LYS C 269 -29.97 -20.44 -1.25
CA LYS C 269 -30.58 -19.62 -0.21
C LYS C 269 -30.29 -18.14 -0.44
N GLU C 270 -31.03 -17.55 -1.38
CA GLU C 270 -30.87 -16.14 -1.75
C GLU C 270 -30.84 -15.15 -0.60
N ASP C 271 -31.93 -15.08 0.13
CA ASP C 271 -32.03 -14.15 1.26
C ASP C 271 -30.98 -14.38 2.33
N ILE C 272 -30.73 -15.64 2.69
CA ILE C 272 -29.74 -15.93 3.71
C ILE C 272 -28.38 -15.39 3.30
N HIS C 273 -28.06 -15.53 2.01
CA HIS C 273 -26.78 -15.05 1.50
C HIS C 273 -26.73 -13.54 1.61
N ARG C 274 -27.74 -12.88 1.04
CA ARG C 274 -27.84 -11.43 1.09
C ARG C 274 -27.67 -11.00 2.54
N SER C 275 -28.39 -11.67 3.43
CA SER C 275 -28.35 -11.38 4.85
C SER C 275 -26.95 -11.47 5.46
N LEU C 276 -26.31 -12.63 5.35
CA LEU C 276 -24.99 -12.84 5.92
C LEU C 276 -23.88 -11.98 5.30
N VAL C 277 -24.08 -11.53 4.08
CA VAL C 277 -23.08 -10.68 3.43
C VAL C 277 -23.12 -9.31 4.09
N GLU C 278 -24.30 -8.71 4.11
CA GLU C 278 -24.50 -7.40 4.69
C GLU C 278 -24.11 -7.46 6.16
N GLU C 279 -24.13 -8.65 6.73
CA GLU C 279 -23.77 -8.83 8.13
C GLU C 279 -22.26 -8.86 8.30
N LEU C 280 -21.57 -9.68 7.51
CA LEU C 280 -20.12 -9.77 7.60
C LEU C 280 -19.48 -8.44 7.24
N THR C 281 -20.15 -7.69 6.37
CA THR C 281 -19.66 -6.37 5.97
C THR C 281 -19.60 -5.47 7.20
N LYS C 282 -20.75 -5.26 7.83
CA LYS C 282 -20.87 -4.43 9.01
C LYS C 282 -19.90 -4.83 10.12
N ILE C 283 -19.89 -6.12 10.46
CA ILE C 283 -19.01 -6.60 11.51
C ILE C 283 -17.55 -6.33 11.16
N SER C 284 -17.21 -6.40 9.88
CA SER C 284 -15.83 -6.15 9.44
C SER C 284 -15.51 -4.67 9.56
N ALA C 285 -16.46 -3.82 9.20
CA ALA C 285 -16.27 -2.37 9.31
C ALA C 285 -15.91 -2.02 10.77
N LYS C 286 -16.80 -2.36 11.68
CA LYS C 286 -16.58 -2.09 13.11
C LYS C 286 -15.26 -2.68 13.58
N GLU C 287 -14.63 -3.49 12.74
CA GLU C 287 -13.38 -4.13 13.10
C GLU C 287 -12.16 -3.60 12.36
N LYS C 288 -12.37 -2.58 11.53
CA LYS C 288 -11.29 -1.99 10.76
C LYS C 288 -10.75 -3.00 9.74
N PHE C 289 -11.65 -3.66 9.01
CA PHE C 289 -11.29 -4.65 8.01
C PHE C 289 -12.05 -4.43 6.71
N THR C 290 -11.57 -5.06 5.65
CA THR C 290 -12.21 -4.95 4.34
C THR C 290 -12.40 -6.35 3.77
N PRO C 291 -13.64 -6.89 3.88
CA PRO C 291 -13.93 -8.22 3.36
C PRO C 291 -13.45 -8.45 1.93
N PRO C 292 -13.26 -9.72 1.54
CA PRO C 292 -12.78 -10.06 0.19
C PRO C 292 -13.54 -9.28 -0.87
N LYS C 293 -12.99 -9.26 -2.09
CA LYS C 293 -13.63 -8.52 -3.18
C LYS C 293 -15.11 -8.84 -3.39
N GLU C 294 -15.64 -9.77 -2.59
CA GLU C 294 -17.07 -10.11 -2.67
C GLU C 294 -17.93 -9.09 -1.90
N ALA D 1 26.15 32.80 -10.15
CA ALA D 1 26.29 32.80 -8.67
C ALA D 1 25.14 32.07 -8.00
N ILE D 2 24.82 32.47 -6.77
CA ILE D 2 23.75 31.85 -6.01
C ILE D 2 22.42 32.57 -6.20
N THR D 3 21.52 31.95 -6.96
CA THR D 3 20.18 32.48 -7.19
C THR D 3 19.23 32.19 -6.02
N LEU D 4 18.59 33.24 -5.48
CA LEU D 4 17.62 33.09 -4.39
C LEU D 4 16.27 32.80 -5.03
N ILE D 5 15.76 31.59 -4.88
CA ILE D 5 14.49 31.25 -5.48
C ILE D 5 13.30 31.23 -4.50
N PHE D 6 12.24 31.97 -4.84
CA PHE D 6 11.04 32.06 -4.00
C PHE D 6 9.77 31.94 -4.82
N ILE D 7 9.57 30.78 -5.46
CA ILE D 7 8.40 30.52 -6.29
C ILE D 7 7.13 30.32 -5.46
N ALA E 1 12.87 -12.30 2.52
CA ALA E 1 14.24 -12.82 2.83
C ALA E 1 15.28 -11.73 2.61
N ILE E 2 16.50 -11.97 3.08
CA ILE E 2 17.59 -11.01 2.92
C ILE E 2 18.72 -11.64 2.11
N THR E 3 18.51 -11.78 0.80
CA THR E 3 19.51 -12.36 -0.10
C THR E 3 20.90 -11.75 0.05
N LEU E 4 21.91 -12.62 0.18
CA LEU E 4 23.30 -12.17 0.26
C LEU E 4 23.73 -12.30 -1.18
N ILE E 5 24.48 -11.33 -1.70
CA ILE E 5 24.88 -11.39 -3.10
C ILE E 5 26.37 -11.17 -3.34
N PHE E 6 26.96 -12.07 -4.13
CA PHE E 6 28.37 -12.00 -4.49
C PHE E 6 28.53 -12.31 -5.98
N ILE E 7 28.01 -11.42 -6.82
CA ILE E 7 28.11 -11.59 -8.27
C ILE E 7 29.58 -11.75 -8.69
#